data_4B8B
#
_entry.id   4B8B
#
_cell.length_a   55.097
_cell.length_b   164.507
_cell.length_c   86.141
_cell.angle_alpha   90.00
_cell.angle_beta   100.05
_cell.angle_gamma   90.00
#
_symmetry.space_group_name_H-M   'P 1 21 1'
#
loop_
_entity.id
_entity.type
_entity.pdbx_description
1 polymer 'GENERAL NEGATIVE REGULATOR OF TRANSCRIPTION SUBUNIT 1'
2 non-polymer 'GOLD ION'
#
_entity_poly.entity_id   1
_entity_poly.type   'polypeptide(L)'
_entity_poly.pdbx_seq_one_letter_code
;RSSQINDFKTIKMNHTNYLRNFFLQTTPETLESNLRDLLHSLEGESLNDLLALLLSEILSPGSQNLQNDPTRSWLTPPMV
LDATNRGNVIARSISSLQANQINWNRVFNLMSTKYFLSAPLMPTTASLSCLFAALHDGPVIDEFFSCDWKVIFKLDLAIQ
LHKWSVQNGCFDLLNAEGTRKVSETIPNTKQSLLYLLSIASLNLELFLQREELSDGPMLAYFQECFFEDFNYAPEYLILA
LVKEMKRFVLLIENRTVIDEILITLLIQVHNKSPSSFKDVISTITDDSKIVDAAKIIINSDDAPIANFLKSLLDTGRLDT
VINKLPFNEAFKILPCARQIGWEGFDTFLKTKVSPSNVDVVLESLEVQTKMTDTNTPFRSLKTFDLFAFHSLIEVLNKCP
LDVLQLQRFESLEFSLLIAFPRLINFGFGHDEAILANGDIAGINNDIEKEMQNYLQKMYSGELAIKDVIELLRRLRDSDL
PRDQEVFTCITHAVIAESTFFQDYPLDALATTSVLFGSMILFQLLRGFVLDVAFRIIMRFAKEPPESKMFKFAVQAIYAF
RIRLAEYPQYCKDLLRDVPALKSQAQVYQSIVEAATLANAPKE
;
_entity_poly.pdbx_strand_id   A,B
#
loop_
_chem_comp.id
_chem_comp.type
_chem_comp.name
_chem_comp.formula
AU non-polymer 'GOLD ION' 'Au 1'
#
# COMPACT_ATOMS: atom_id res chain seq x y z
N LEU A 42 -15.59 13.66 -74.16
CA LEU A 42 -16.95 13.87 -73.66
C LEU A 42 -16.98 14.79 -72.41
N GLU A 43 -17.95 15.71 -72.37
CA GLU A 43 -18.10 16.68 -71.29
C GLU A 43 -19.57 16.90 -70.87
N GLY A 44 -19.79 17.58 -69.75
CA GLY A 44 -21.14 17.93 -69.34
C GLY A 44 -21.90 16.85 -68.60
N GLU A 45 -23.23 16.81 -68.76
CA GLU A 45 -24.06 15.80 -68.11
C GLU A 45 -23.80 14.41 -68.69
N SER A 46 -23.57 14.36 -70.00
CA SER A 46 -23.22 13.11 -70.65
C SER A 46 -21.91 12.55 -70.08
N LEU A 47 -20.97 13.44 -69.76
CA LEU A 47 -19.78 13.05 -68.98
C LEU A 47 -20.19 12.58 -67.60
N ASN A 48 -21.14 13.28 -66.99
CA ASN A 48 -21.66 12.91 -65.67
C ASN A 48 -22.34 11.53 -65.67
N ASP A 49 -22.47 10.92 -66.86
CA ASP A 49 -22.91 9.53 -66.94
C ASP A 49 -21.81 8.41 -66.84
N LEU A 50 -20.61 8.79 -66.39
CA LEU A 50 -19.70 7.85 -65.65
C LEU A 50 -20.29 7.38 -64.31
N LEU A 51 -21.45 7.94 -63.97
CA LEU A 51 -22.39 7.28 -63.07
C LEU A 51 -22.54 5.80 -63.45
N ALA A 52 -22.65 5.51 -64.76
CA ALA A 52 -22.81 4.14 -65.25
C ALA A 52 -21.57 3.30 -64.94
N LEU A 53 -20.40 3.80 -65.33
CA LEU A 53 -19.11 3.17 -65.01
C LEU A 53 -18.97 2.80 -63.53
N LEU A 54 -18.96 3.83 -62.67
CA LEU A 54 -18.84 3.60 -61.22
C LEU A 54 -19.91 2.63 -60.74
N LEU A 55 -21.10 2.71 -61.31
CA LEU A 55 -22.16 1.80 -60.94
C LEU A 55 -21.82 0.35 -61.26
N SER A 56 -21.16 0.12 -62.40
CA SER A 56 -20.78 -1.23 -62.81
C SER A 56 -19.66 -1.77 -61.93
N GLU A 57 -18.73 -0.90 -61.53
CA GLU A 57 -17.67 -1.32 -60.62
C GLU A 57 -18.21 -1.77 -59.26
N ILE A 58 -19.35 -1.22 -58.88
CA ILE A 58 -19.98 -1.60 -57.63
C ILE A 58 -20.65 -2.98 -57.77
N LEU A 59 -20.77 -3.45 -59.01
CA LEU A 59 -21.19 -4.82 -59.25
C LEU A 59 -20.02 -5.72 -59.64
N SER A 60 -20.11 -6.98 -59.24
CA SER A 60 -19.01 -7.94 -59.40
C SER A 60 -18.76 -8.32 -60.86
N ALA A 83 -15.80 -8.04 -63.11
CA ALA A 83 -14.72 -9.01 -63.30
C ALA A 83 -13.39 -8.46 -62.81
N THR A 84 -12.41 -9.36 -62.65
CA THR A 84 -11.04 -8.98 -62.27
C THR A 84 -10.44 -8.01 -63.28
N ASN A 85 -10.41 -8.44 -64.54
CA ASN A 85 -9.79 -7.68 -65.62
C ASN A 85 -10.35 -6.28 -65.80
N ARG A 86 -11.61 -6.20 -66.23
CA ARG A 86 -12.21 -4.95 -66.67
C ARG A 86 -12.28 -3.85 -65.61
N GLY A 87 -12.61 -4.24 -64.38
CA GLY A 87 -12.91 -3.29 -63.32
C GLY A 87 -11.89 -2.18 -63.11
N ASN A 88 -10.62 -2.54 -62.88
CA ASN A 88 -9.64 -1.49 -62.60
C ASN A 88 -9.02 -0.93 -63.88
N VAL A 89 -9.46 -1.46 -65.04
CA VAL A 89 -9.26 -0.76 -66.31
C VAL A 89 -10.21 0.45 -66.33
N ILE A 90 -11.49 0.19 -66.06
CA ILE A 90 -12.47 1.27 -65.88
C ILE A 90 -11.93 2.29 -64.87
N ALA A 91 -11.43 1.78 -63.75
CA ALA A 91 -10.89 2.62 -62.69
C ALA A 91 -9.72 3.49 -63.14
N ARG A 92 -8.76 2.86 -63.81
CA ARG A 92 -7.59 3.56 -64.34
C ARG A 92 -8.01 4.64 -65.35
N SER A 93 -9.06 4.35 -66.11
CA SER A 93 -9.58 5.28 -67.11
C SER A 93 -10.23 6.51 -66.47
N ILE A 94 -11.10 6.27 -65.49
CA ILE A 94 -11.79 7.35 -64.79
C ILE A 94 -10.81 8.23 -64.00
N SER A 95 -9.81 7.62 -63.39
CA SER A 95 -8.84 8.38 -62.59
C SER A 95 -7.94 9.30 -63.44
N SER A 96 -7.81 8.97 -64.73
CA SER A 96 -6.98 9.76 -65.64
C SER A 96 -7.54 11.16 -65.87
N LEU A 97 -8.83 11.34 -65.61
CA LEU A 97 -9.47 12.66 -65.65
C LEU A 97 -9.01 13.54 -64.48
N GLN A 98 -9.09 14.85 -64.71
CA GLN A 98 -8.80 15.82 -63.66
C GLN A 98 -10.01 15.91 -62.75
N ALA A 99 -9.81 15.59 -61.46
CA ALA A 99 -10.93 15.38 -60.54
C ALA A 99 -11.71 16.66 -60.21
N ASN A 100 -10.98 17.77 -60.04
CA ASN A 100 -11.60 19.03 -59.66
C ASN A 100 -12.59 19.56 -60.70
N GLN A 101 -12.36 19.18 -61.96
CA GLN A 101 -13.18 19.65 -63.08
C GLN A 101 -14.53 18.92 -63.18
N ILE A 102 -14.67 17.81 -62.47
CA ILE A 102 -15.90 17.02 -62.54
C ILE A 102 -16.89 17.41 -61.44
N ASN A 103 -18.17 17.47 -61.78
CA ASN A 103 -19.17 17.73 -60.76
C ASN A 103 -19.64 16.39 -60.25
N TRP A 104 -19.09 15.99 -59.09
CA TRP A 104 -19.21 14.62 -58.58
C TRP A 104 -20.52 14.39 -57.84
N ASN A 105 -21.02 15.46 -57.20
CA ASN A 105 -22.29 15.46 -56.51
C ASN A 105 -23.38 15.01 -57.49
N ARG A 106 -23.34 15.56 -58.71
CA ARG A 106 -24.30 15.20 -59.75
C ARG A 106 -24.14 13.73 -60.10
N VAL A 107 -22.89 13.30 -60.23
CA VAL A 107 -22.55 11.93 -60.57
C VAL A 107 -23.13 10.93 -59.57
N PHE A 108 -22.85 11.15 -58.28
CA PHE A 108 -23.31 10.29 -57.18
C PHE A 108 -24.83 10.33 -57.05
N ASN A 109 -25.40 11.51 -57.26
CA ASN A 109 -26.84 11.65 -57.23
C ASN A 109 -27.45 10.72 -58.27
N LEU A 110 -26.93 10.81 -59.50
CA LEU A 110 -27.34 9.92 -60.59
C LEU A 110 -27.16 8.45 -60.20
N MET A 111 -26.05 8.15 -59.54
CA MET A 111 -25.71 6.79 -59.11
C MET A 111 -26.77 6.25 -58.16
N SER A 112 -27.25 7.12 -57.28
CA SER A 112 -28.23 6.73 -56.26
C SER A 112 -29.68 6.78 -56.74
N THR A 113 -29.95 7.46 -57.86
CA THR A 113 -31.32 7.57 -58.35
C THR A 113 -31.70 6.52 -59.40
N LYS A 114 -31.15 6.60 -60.62
CA LYS A 114 -31.33 5.49 -61.54
C LYS A 114 -30.12 4.60 -61.24
N TYR A 115 -30.36 3.54 -60.49
CA TYR A 115 -29.35 3.13 -59.52
C TYR A 115 -28.75 1.76 -59.73
N PHE A 116 -29.46 0.71 -59.35
CA PHE A 116 -28.80 -0.58 -59.22
C PHE A 116 -29.24 -1.61 -60.28
N LEU A 117 -28.31 -1.93 -61.19
CA LEU A 117 -28.56 -2.91 -62.25
C LEU A 117 -27.64 -4.13 -62.13
N LEU A 121 -26.58 -2.43 -54.30
CA LEU A 121 -26.74 -2.86 -52.91
C LEU A 121 -25.70 -3.90 -52.57
N MET A 122 -25.03 -3.70 -51.43
CA MET A 122 -24.00 -4.63 -50.92
C MET A 122 -22.81 -4.95 -51.83
N PRO A 123 -21.95 -3.95 -52.09
CA PRO A 123 -20.71 -4.14 -52.86
C PRO A 123 -19.69 -4.98 -52.12
N THR A 124 -18.85 -5.66 -52.89
CA THR A 124 -17.76 -6.43 -52.33
C THR A 124 -16.62 -5.48 -51.96
N THR A 125 -15.79 -5.92 -51.01
CA THR A 125 -14.62 -5.15 -50.62
C THR A 125 -13.65 -4.89 -51.81
N ALA A 126 -13.57 -5.86 -52.72
CA ALA A 126 -12.76 -5.67 -53.92
C ALA A 126 -13.37 -4.57 -54.80
N SER A 127 -14.68 -4.61 -54.95
CA SER A 127 -15.38 -3.61 -55.76
C SER A 127 -15.34 -2.20 -55.15
N LEU A 128 -15.44 -2.11 -53.81
CA LEU A 128 -15.30 -0.83 -53.10
C LEU A 128 -13.90 -0.26 -53.27
N SER A 129 -12.91 -1.11 -53.11
CA SER A 129 -11.54 -0.71 -53.35
C SER A 129 -11.38 -0.19 -54.78
N CYS A 130 -12.12 -0.79 -55.70
CA CYS A 130 -12.11 -0.38 -57.09
C CYS A 130 -12.72 1.00 -57.26
N LEU A 131 -13.85 1.23 -56.59
CA LEU A 131 -14.51 2.52 -56.63
C LEU A 131 -13.63 3.65 -56.05
N PHE A 132 -12.90 3.32 -54.97
CA PHE A 132 -12.03 4.31 -54.36
C PHE A 132 -10.84 4.60 -55.28
N ALA A 133 -10.26 3.55 -55.84
CA ALA A 133 -9.23 3.70 -56.89
C ALA A 133 -9.72 4.57 -58.06
N ALA A 134 -10.98 4.39 -58.44
CA ALA A 134 -11.61 5.24 -59.46
C ALA A 134 -11.68 6.72 -59.06
N LEU A 135 -12.10 6.97 -57.82
CA LEU A 135 -12.29 8.34 -57.31
C LEU A 135 -10.97 9.02 -56.91
N HIS A 136 -10.11 8.25 -56.25
CA HIS A 136 -8.72 8.58 -55.94
C HIS A 136 -8.48 9.78 -55.02
N ASP A 137 -9.40 10.72 -54.99
CA ASP A 137 -9.13 12.01 -54.36
C ASP A 137 -9.95 12.14 -53.11
N GLY A 138 -9.29 12.56 -52.04
CA GLY A 138 -9.92 12.67 -50.73
C GLY A 138 -11.23 13.43 -50.74
N PRO A 139 -11.22 14.65 -51.29
CA PRO A 139 -12.49 15.38 -51.42
C PRO A 139 -13.54 14.59 -52.22
N VAL A 140 -13.14 13.93 -53.30
CA VAL A 140 -14.11 13.13 -54.06
C VAL A 140 -14.65 11.98 -53.21
N ILE A 141 -13.75 11.27 -52.51
CA ILE A 141 -14.14 10.17 -51.63
C ILE A 141 -15.13 10.62 -50.53
N ASP A 142 -14.79 11.72 -49.85
CA ASP A 142 -15.69 12.31 -48.88
C ASP A 142 -17.03 12.60 -49.56
N GLU A 143 -16.96 13.13 -50.77
CA GLU A 143 -18.15 13.47 -51.53
C GLU A 143 -19.00 12.21 -51.70
N PHE A 144 -18.35 11.08 -51.95
CA PHE A 144 -19.03 9.80 -52.05
C PHE A 144 -19.70 9.40 -50.72
N PHE A 145 -18.98 9.58 -49.60
CA PHE A 145 -19.59 9.30 -48.29
C PHE A 145 -20.81 10.19 -47.92
N SER A 146 -20.77 11.46 -48.30
CA SER A 146 -21.83 12.38 -47.88
C SER A 146 -23.15 12.14 -48.62
N CYS A 147 -23.07 11.63 -49.84
CA CYS A 147 -24.25 11.32 -50.64
C CYS A 147 -25.21 10.41 -49.87
N ASP A 148 -26.51 10.61 -50.00
CA ASP A 148 -27.42 9.85 -49.16
C ASP A 148 -27.83 8.58 -49.87
N TRP A 149 -27.30 7.46 -49.38
CA TRP A 149 -27.49 6.16 -50.01
C TRP A 149 -28.50 5.40 -49.18
N LYS A 150 -28.88 4.21 -49.63
CA LYS A 150 -29.85 3.47 -48.85
C LYS A 150 -29.14 3.06 -47.59
N VAL A 151 -29.88 2.51 -46.64
CA VAL A 151 -29.28 2.19 -45.35
C VAL A 151 -28.54 0.85 -45.41
N ILE A 152 -29.06 -0.07 -46.22
CA ILE A 152 -28.46 -1.38 -46.35
C ILE A 152 -27.10 -1.26 -47.02
N PHE A 153 -26.96 -0.23 -47.86
CA PHE A 153 -25.70 0.06 -48.54
C PHE A 153 -24.73 0.72 -47.58
N LYS A 154 -25.22 1.68 -46.79
CA LYS A 154 -24.41 2.33 -45.76
C LYS A 154 -23.85 1.31 -44.76
N LEU A 155 -24.69 0.33 -44.46
CA LEU A 155 -24.40 -0.74 -43.53
C LEU A 155 -23.33 -1.66 -44.13
N ASP A 156 -23.56 -2.13 -45.36
CA ASP A 156 -22.55 -2.97 -46.03
C ASP A 156 -21.23 -2.21 -46.20
N LEU A 157 -21.33 -0.89 -46.36
CA LEU A 157 -20.18 -0.06 -46.62
C LEU A 157 -19.30 0.07 -45.38
N ALA A 158 -19.94 0.28 -44.22
CA ALA A 158 -19.21 0.37 -42.95
C ALA A 158 -18.59 -0.97 -42.62
N ILE A 159 -19.39 -2.02 -42.83
CA ILE A 159 -18.92 -3.39 -42.60
C ILE A 159 -17.72 -3.77 -43.47
N GLN A 160 -17.74 -3.42 -44.75
CA GLN A 160 -16.60 -3.76 -45.58
C GLN A 160 -15.39 -2.90 -45.25
N LEU A 161 -15.63 -1.65 -44.83
CA LEU A 161 -14.50 -0.83 -44.42
C LEU A 161 -13.82 -1.39 -43.14
N HIS A 162 -14.61 -2.02 -42.28
CA HIS A 162 -14.06 -2.57 -41.06
C HIS A 162 -13.10 -3.73 -41.39
N LYS A 163 -13.33 -4.35 -42.54
CA LYS A 163 -12.54 -5.48 -43.00
C LYS A 163 -11.41 -5.05 -43.95
N TRP A 164 -11.18 -3.74 -44.05
CA TRP A 164 -10.15 -3.19 -44.94
C TRP A 164 -8.76 -3.76 -44.70
N SER A 165 -8.07 -4.14 -45.78
CA SER A 165 -6.64 -4.37 -45.69
C SER A 165 -5.85 -3.88 -46.92
N VAL A 166 -5.00 -2.89 -46.71
CA VAL A 166 -4.08 -2.39 -47.73
C VAL A 166 -3.07 -3.48 -48.10
N GLN A 167 -2.73 -4.32 -47.13
CA GLN A 167 -1.79 -5.39 -47.41
C GLN A 167 -2.36 -6.45 -48.35
N ASN A 168 -3.68 -6.63 -48.31
CA ASN A 168 -4.33 -7.54 -49.23
C ASN A 168 -4.62 -6.86 -50.56
N GLY A 169 -4.23 -5.61 -50.70
CA GLY A 169 -4.33 -4.90 -51.97
C GLY A 169 -5.44 -3.88 -52.07
N CYS A 170 -6.12 -3.60 -50.96
CA CYS A 170 -7.17 -2.55 -50.93
C CYS A 170 -6.56 -1.18 -51.17
N PHE A 171 -7.38 -0.29 -51.72
CA PHE A 171 -7.00 1.10 -51.98
C PHE A 171 -6.55 1.73 -50.68
N ASP A 172 -5.50 2.54 -50.73
CA ASP A 172 -5.05 3.04 -49.44
C ASP A 172 -5.81 4.33 -49.17
N LEU A 173 -6.85 4.19 -48.35
CA LEU A 173 -7.74 5.28 -48.01
C LEU A 173 -7.03 6.27 -47.09
N LEU A 174 -6.30 5.73 -46.12
CA LEU A 174 -5.55 6.57 -45.19
C LEU A 174 -4.54 7.49 -45.87
N ASN A 175 -4.04 7.15 -47.06
CA ASN A 175 -3.07 8.05 -47.70
C ASN A 175 -3.64 8.99 -48.76
N ALA A 176 -4.95 8.93 -48.95
CA ALA A 176 -5.62 9.85 -49.86
C ALA A 176 -5.46 11.27 -49.32
N GLU A 177 -5.08 12.19 -50.20
CA GLU A 177 -4.78 13.54 -49.78
C GLU A 177 -6.05 14.40 -49.72
N GLY A 178 -6.26 15.07 -48.60
CA GLY A 178 -7.36 16.01 -48.50
C GLY A 178 -8.67 15.39 -48.01
N THR A 179 -8.58 14.29 -47.29
CA THR A 179 -9.74 13.79 -46.57
C THR A 179 -9.94 14.60 -45.26
N ARG A 180 -11.20 14.69 -44.83
CA ARG A 180 -11.51 15.35 -43.57
C ARG A 180 -11.19 14.40 -42.40
N LYS A 181 -10.48 14.91 -41.41
CA LYS A 181 -10.03 14.06 -40.31
C LYS A 181 -10.88 14.27 -39.07
N VAL A 182 -10.66 13.50 -38.02
CA VAL A 182 -11.39 13.75 -36.78
C VAL A 182 -10.73 14.86 -35.97
N SER A 183 -9.49 15.18 -36.32
CA SER A 183 -8.75 16.25 -35.70
C SER A 183 -7.76 16.75 -36.71
N GLU A 184 -7.41 18.03 -36.66
CA GLU A 184 -6.32 18.53 -37.48
C GLU A 184 -5.04 18.60 -36.65
N THR A 185 -5.13 18.18 -35.40
CA THR A 185 -4.04 18.28 -34.44
C THR A 185 -3.45 16.92 -34.08
N ILE A 186 -4.29 16.06 -33.50
CA ILE A 186 -3.93 14.68 -33.20
C ILE A 186 -3.61 13.85 -34.46
N PRO A 187 -2.45 13.17 -34.45
CA PRO A 187 -1.98 12.30 -35.56
C PRO A 187 -2.73 10.98 -35.57
N ASN A 188 -2.73 10.23 -36.68
CA ASN A 188 -3.44 8.96 -36.66
C ASN A 188 -2.42 7.94 -36.21
N THR A 189 -2.37 7.70 -34.90
CA THR A 189 -1.37 6.79 -34.38
C THR A 189 -1.91 5.38 -34.43
N LYS A 190 -3.22 5.26 -34.48
CA LYS A 190 -3.84 3.95 -34.43
C LYS A 190 -4.03 3.34 -35.80
N GLN A 191 -3.63 4.07 -36.84
CA GLN A 191 -3.82 3.60 -38.22
C GLN A 191 -5.25 3.13 -38.43
N SER A 192 -6.21 3.93 -37.98
CA SER A 192 -7.62 3.58 -38.10
C SER A 192 -8.29 4.37 -39.21
N LEU A 193 -9.13 3.68 -39.99
CA LEU A 193 -9.96 4.34 -40.99
C LEU A 193 -10.94 5.31 -40.32
N LEU A 194 -11.09 5.16 -39.00
CA LEU A 194 -12.01 5.98 -38.26
C LEU A 194 -11.39 7.34 -37.99
N TYR A 195 -10.12 7.50 -38.37
CA TYR A 195 -9.48 8.79 -38.32
C TYR A 195 -10.14 9.69 -39.34
N LEU A 196 -10.59 9.09 -40.46
CA LEU A 196 -11.25 9.82 -41.51
C LEU A 196 -12.69 10.10 -41.10
N LEU A 197 -13.02 11.39 -41.03
CA LEU A 197 -14.27 11.88 -40.48
C LEU A 197 -15.50 11.30 -41.16
N SER A 198 -15.42 11.11 -42.48
CA SER A 198 -16.50 10.48 -43.23
C SER A 198 -16.88 9.10 -42.68
N ILE A 199 -15.86 8.32 -42.33
CA ILE A 199 -16.04 6.94 -41.92
C ILE A 199 -16.48 6.89 -40.46
N ALA A 200 -15.85 7.74 -39.66
CA ALA A 200 -16.18 7.81 -38.25
C ALA A 200 -17.65 8.15 -38.14
N SER A 201 -18.05 9.15 -38.91
CA SER A 201 -19.39 9.67 -38.86
C SER A 201 -20.38 8.69 -39.45
N LEU A 202 -19.96 7.95 -40.46
CA LEU A 202 -20.80 6.92 -41.04
C LEU A 202 -21.18 5.93 -39.94
N ASN A 203 -20.17 5.50 -39.19
CA ASN A 203 -20.39 4.54 -38.12
C ASN A 203 -21.26 5.06 -36.99
N LEU A 204 -20.97 6.30 -36.58
CA LEU A 204 -21.78 6.93 -35.54
C LEU A 204 -23.24 7.02 -36.01
N GLU A 205 -23.42 7.38 -37.28
CA GLU A 205 -24.74 7.57 -37.85
C GLU A 205 -25.54 6.29 -37.84
N LEU A 206 -24.91 5.23 -38.33
CA LEU A 206 -25.54 3.91 -38.31
C LEU A 206 -25.86 3.44 -36.89
N PHE A 207 -24.90 3.57 -35.98
CA PHE A 207 -25.05 3.02 -34.65
C PHE A 207 -26.10 3.81 -33.84
N LEU A 208 -26.10 5.13 -33.93
CA LEU A 208 -27.08 5.94 -33.21
C LEU A 208 -28.52 5.60 -33.60
N GLN A 209 -28.65 5.03 -34.80
CA GLN A 209 -29.93 4.60 -35.33
C GLN A 209 -30.27 3.11 -35.12
N ARG A 210 -29.49 2.41 -34.30
CA ARG A 210 -29.68 0.97 -34.02
C ARG A 210 -31.15 0.62 -33.88
N GLU A 211 -31.79 1.19 -32.87
CA GLU A 211 -33.17 0.94 -32.53
C GLU A 211 -34.18 1.17 -33.66
N GLU A 212 -34.03 2.26 -34.40
CA GLU A 212 -35.04 2.65 -35.37
C GLU A 212 -34.81 2.06 -36.76
N LEU A 213 -33.80 1.22 -36.89
CA LEU A 213 -33.50 0.55 -38.15
C LEU A 213 -34.02 -0.88 -38.14
N SER A 214 -34.45 -1.34 -39.31
CA SER A 214 -34.90 -2.71 -39.49
C SER A 214 -33.79 -3.67 -39.05
N ASP A 215 -34.15 -4.66 -38.25
CA ASP A 215 -33.13 -5.55 -37.72
C ASP A 215 -32.96 -6.73 -38.66
N GLY A 216 -31.87 -6.69 -39.42
CA GLY A 216 -31.46 -7.78 -40.28
C GLY A 216 -30.19 -8.37 -39.70
N PRO A 217 -29.57 -9.31 -40.44
CA PRO A 217 -28.24 -9.79 -40.07
C PRO A 217 -27.17 -8.72 -40.32
N MET A 218 -27.44 -7.83 -41.27
CA MET A 218 -26.50 -6.74 -41.59
C MET A 218 -26.31 -5.81 -40.39
N LEU A 219 -27.42 -5.44 -39.75
CA LEU A 219 -27.35 -4.55 -38.61
C LEU A 219 -26.53 -5.18 -37.47
N ALA A 220 -26.67 -6.48 -37.29
CA ALA A 220 -25.97 -7.18 -36.22
C ALA A 220 -24.48 -7.24 -36.52
N TYR A 221 -24.17 -7.59 -37.76
CA TYR A 221 -22.80 -7.63 -38.25
C TYR A 221 -22.14 -6.27 -37.95
N PHE A 222 -22.77 -5.22 -38.46
CA PHE A 222 -22.26 -3.86 -38.26
C PHE A 222 -22.06 -3.52 -36.80
N GLN A 223 -23.05 -3.85 -35.97
CA GLN A 223 -22.97 -3.59 -34.55
C GLN A 223 -21.71 -4.19 -33.95
N GLU A 224 -21.39 -5.43 -34.31
CA GLU A 224 -20.19 -6.08 -33.78
C GLU A 224 -18.88 -5.40 -34.26
N CYS A 225 -18.93 -4.92 -35.50
CA CYS A 225 -17.85 -4.05 -36.00
C CYS A 225 -17.67 -2.79 -35.13
N PHE A 226 -18.78 -2.11 -34.86
CA PHE A 226 -18.73 -0.92 -34.05
C PHE A 226 -18.23 -1.23 -32.65
N PHE A 227 -18.53 -2.42 -32.12
CA PHE A 227 -18.04 -2.70 -30.78
C PHE A 227 -16.52 -2.86 -30.79
N GLU A 228 -16.02 -3.44 -31.87
CA GLU A 228 -14.56 -3.47 -32.03
C GLU A 228 -13.97 -2.05 -32.11
N ASP A 229 -14.58 -1.17 -32.90
CA ASP A 229 -14.13 0.23 -32.99
C ASP A 229 -14.17 0.96 -31.66
N PHE A 230 -15.23 0.71 -30.90
CA PHE A 230 -15.41 1.22 -29.56
C PHE A 230 -14.23 0.80 -28.68
N ASN A 231 -13.76 -0.44 -28.82
CA ASN A 231 -12.58 -0.86 -28.08
C ASN A 231 -11.23 -0.40 -28.59
N TYR A 232 -11.07 -0.32 -29.90
CA TYR A 232 -9.79 0.04 -30.51
C TYR A 232 -9.47 1.54 -30.53
N ALA A 233 -10.41 2.35 -31.01
CA ALA A 233 -10.16 3.79 -31.16
C ALA A 233 -11.35 4.73 -30.80
N PRO A 234 -11.79 4.69 -29.53
CA PRO A 234 -12.91 5.56 -29.09
C PRO A 234 -12.58 7.04 -29.18
N GLU A 235 -11.30 7.40 -29.11
CA GLU A 235 -10.91 8.80 -29.27
C GLU A 235 -11.36 9.35 -30.62
N TYR A 236 -11.32 8.51 -31.65
CA TYR A 236 -11.71 8.95 -32.99
C TYR A 236 -13.23 9.07 -33.12
N LEU A 237 -13.94 8.05 -32.66
CA LEU A 237 -15.40 8.13 -32.56
C LEU A 237 -15.91 9.36 -31.77
N ILE A 238 -15.30 9.68 -30.63
CA ILE A 238 -15.78 10.80 -29.84
C ILE A 238 -15.38 12.14 -30.45
N LEU A 239 -14.16 12.22 -30.98
CA LEU A 239 -13.77 13.44 -31.69
C LEU A 239 -14.77 13.71 -32.81
N ALA A 240 -15.09 12.68 -33.58
CA ALA A 240 -16.05 12.81 -34.66
C ALA A 240 -17.46 13.13 -34.17
N LEU A 241 -17.88 12.53 -33.06
CA LEU A 241 -19.19 12.85 -32.47
C LEU A 241 -19.34 14.32 -32.08
N VAL A 242 -18.28 14.88 -31.52
CA VAL A 242 -18.29 16.29 -31.14
C VAL A 242 -18.21 17.20 -32.36
N LYS A 243 -17.30 16.88 -33.28
CA LYS A 243 -17.04 17.74 -34.43
C LYS A 243 -18.33 17.96 -35.25
N GLU A 244 -19.07 16.88 -35.41
CA GLU A 244 -20.33 16.82 -36.13
C GLU A 244 -21.56 16.84 -35.24
N MET A 245 -21.35 17.27 -34.01
CA MET A 245 -22.39 17.29 -32.99
C MET A 245 -23.74 17.84 -33.46
N LYS A 246 -23.73 18.99 -34.13
CA LYS A 246 -24.95 19.57 -34.70
C LYS A 246 -25.77 18.54 -35.49
N ARG A 247 -25.15 17.99 -36.53
CA ARG A 247 -25.73 16.93 -37.35
C ARG A 247 -26.32 15.74 -36.58
N PHE A 248 -25.61 15.26 -35.56
CA PHE A 248 -26.12 14.14 -34.78
C PHE A 248 -27.29 14.52 -33.86
N VAL A 249 -27.18 15.68 -33.24
CA VAL A 249 -28.30 16.25 -32.49
C VAL A 249 -29.56 16.32 -33.37
N LEU A 250 -29.42 16.88 -34.57
CA LEU A 250 -30.52 16.95 -35.55
C LEU A 250 -31.05 15.58 -35.91
N LEU A 251 -30.15 14.62 -36.06
CA LEU A 251 -30.52 13.29 -36.49
C LEU A 251 -31.34 12.53 -35.44
N ILE A 252 -30.87 12.53 -34.20
CA ILE A 252 -31.55 11.84 -33.13
C ILE A 252 -32.69 12.64 -32.48
N GLU A 253 -32.44 13.94 -32.26
CA GLU A 253 -33.39 14.81 -31.55
C GLU A 253 -33.66 14.34 -30.14
N ASN A 254 -32.69 13.66 -29.55
CA ASN A 254 -32.74 13.33 -28.12
C ASN A 254 -31.44 13.76 -27.48
N ARG A 255 -31.50 14.75 -26.59
CA ARG A 255 -30.30 15.19 -25.89
C ARG A 255 -29.73 14.07 -25.06
N THR A 256 -30.62 13.31 -24.42
CA THR A 256 -30.21 12.24 -23.53
C THR A 256 -29.51 11.07 -24.24
N VAL A 257 -29.85 10.81 -25.50
CA VAL A 257 -29.17 9.77 -26.27
C VAL A 257 -27.75 10.20 -26.69
N ILE A 258 -27.63 11.45 -27.14
CA ILE A 258 -26.32 12.02 -27.49
C ILE A 258 -25.46 12.13 -26.25
N ASP A 259 -26.08 12.41 -25.11
CA ASP A 259 -25.36 12.58 -23.85
C ASP A 259 -24.90 11.26 -23.27
N GLU A 260 -25.81 10.29 -23.20
CA GLU A 260 -25.47 8.93 -22.81
C GLU A 260 -24.30 8.44 -23.67
N ILE A 261 -24.40 8.58 -24.99
CA ILE A 261 -23.31 8.10 -25.84
C ILE A 261 -22.01 8.87 -25.64
N LEU A 262 -22.11 10.18 -25.47
CA LEU A 262 -20.92 11.01 -25.25
C LEU A 262 -20.18 10.63 -23.95
N ILE A 263 -20.94 10.51 -22.86
CA ILE A 263 -20.38 10.13 -21.56
C ILE A 263 -19.74 8.74 -21.65
N THR A 264 -20.47 7.79 -22.24
CA THR A 264 -19.96 6.43 -22.41
C THR A 264 -18.66 6.43 -23.18
N LEU A 265 -18.64 7.21 -24.26
CA LEU A 265 -17.44 7.32 -25.08
C LEU A 265 -16.27 7.86 -24.26
N LEU A 266 -16.55 8.86 -23.43
CA LEU A 266 -15.55 9.60 -22.67
C LEU A 266 -14.88 8.70 -21.62
N ILE A 267 -15.72 7.90 -20.96
CA ILE A 267 -15.29 6.88 -20.02
C ILE A 267 -14.43 5.85 -20.72
N GLN A 268 -14.89 5.44 -21.90
CA GLN A 268 -14.17 4.49 -22.69
C GLN A 268 -12.82 5.04 -23.16
N VAL A 269 -12.73 6.34 -23.38
CA VAL A 269 -11.45 6.91 -23.80
C VAL A 269 -10.54 6.87 -22.60
N HIS A 270 -11.13 7.07 -21.42
CA HIS A 270 -10.31 6.95 -20.23
C HIS A 270 -9.75 5.53 -20.00
N ASN A 271 -10.57 4.51 -20.19
CA ASN A 271 -10.12 3.14 -19.92
C ASN A 271 -9.02 2.66 -20.88
N LYS A 272 -9.32 2.69 -22.18
CA LYS A 272 -8.34 2.37 -23.22
C LYS A 272 -7.92 3.69 -23.82
N SER A 273 -6.64 3.84 -24.17
CA SER A 273 -6.12 5.15 -24.62
C SER A 273 -6.38 6.38 -23.71
N PRO A 274 -5.90 6.33 -22.45
CA PRO A 274 -5.94 7.51 -21.58
C PRO A 274 -5.06 8.66 -22.07
N SER A 275 -4.02 8.34 -22.84
CA SER A 275 -3.11 9.35 -23.35
C SER A 275 -3.81 10.32 -24.31
N SER A 276 -5.00 9.91 -24.78
CA SER A 276 -5.82 10.76 -25.62
C SER A 276 -6.81 11.65 -24.85
N PHE A 277 -7.05 11.31 -23.57
CA PHE A 277 -8.15 11.89 -22.80
C PHE A 277 -8.14 13.41 -22.75
N LYS A 278 -7.02 13.97 -22.30
CA LYS A 278 -6.86 15.41 -22.26
C LYS A 278 -7.29 16.03 -23.59
N ASP A 279 -6.80 15.48 -24.71
CA ASP A 279 -7.13 16.00 -26.04
C ASP A 279 -8.64 16.01 -26.28
N VAL A 280 -9.27 14.87 -26.01
CA VAL A 280 -10.71 14.78 -26.16
C VAL A 280 -11.38 15.86 -25.33
N ILE A 281 -10.91 15.97 -24.08
CA ILE A 281 -11.50 16.87 -23.11
C ILE A 281 -11.40 18.31 -23.59
N SER A 282 -10.36 18.63 -24.34
CA SER A 282 -10.19 19.99 -24.85
C SER A 282 -11.38 20.40 -25.70
N THR A 283 -11.86 19.48 -26.55
CA THR A 283 -12.89 19.80 -27.53
C THR A 283 -14.32 19.94 -26.98
N ILE A 284 -14.51 19.55 -25.72
CA ILE A 284 -15.86 19.53 -25.15
C ILE A 284 -16.14 20.79 -24.34
N THR A 285 -17.18 21.52 -24.73
CA THR A 285 -17.59 22.73 -24.02
C THR A 285 -18.47 22.47 -22.80
N ASP A 286 -19.36 21.49 -22.90
CA ASP A 286 -20.29 21.22 -21.81
C ASP A 286 -19.61 20.44 -20.67
N ASP A 287 -19.56 21.05 -19.49
CA ASP A 287 -18.89 20.42 -18.35
C ASP A 287 -19.78 19.37 -17.70
N SER A 288 -21.06 19.40 -18.01
CA SER A 288 -22.03 18.49 -17.42
C SER A 288 -21.62 17.03 -17.68
N LYS A 289 -21.20 16.77 -18.92
CA LYS A 289 -20.83 15.43 -19.34
C LYS A 289 -19.50 14.99 -18.73
N ILE A 290 -18.52 15.89 -18.76
CA ILE A 290 -17.25 15.65 -18.10
C ILE A 290 -17.44 15.27 -16.64
N VAL A 291 -18.30 16.01 -15.95
CA VAL A 291 -18.60 15.72 -14.55
C VAL A 291 -19.30 14.36 -14.40
N ASP A 292 -20.25 14.06 -15.27
CA ASP A 292 -20.97 12.78 -15.20
C ASP A 292 -20.00 11.64 -15.33
N ALA A 293 -19.24 11.73 -16.40
CA ALA A 293 -18.19 10.77 -16.70
C ALA A 293 -17.23 10.61 -15.51
N ALA A 294 -16.75 11.74 -14.97
CA ALA A 294 -15.82 11.70 -13.87
C ALA A 294 -16.42 11.03 -12.65
N LYS A 295 -17.71 11.27 -12.40
CA LYS A 295 -18.42 10.59 -11.34
C LYS A 295 -18.39 9.07 -11.54
N ILE A 296 -18.55 8.60 -12.78
CA ILE A 296 -18.43 7.15 -13.03
C ILE A 296 -17.00 6.60 -12.82
N ILE A 297 -16.02 7.29 -13.41
CA ILE A 297 -14.61 6.93 -13.32
C ILE A 297 -14.11 6.84 -11.88
N ILE A 298 -14.46 7.83 -11.05
CA ILE A 298 -14.04 7.85 -9.64
C ILE A 298 -14.47 6.56 -8.92
N ASN A 299 -15.78 6.30 -8.92
CA ASN A 299 -16.33 5.13 -8.24
C ASN A 299 -15.94 3.79 -8.84
N SER A 300 -15.84 3.71 -10.16
CA SER A 300 -15.57 2.42 -10.80
C SER A 300 -14.16 1.97 -10.52
N ASP A 301 -13.19 2.81 -10.90
CA ASP A 301 -11.78 2.44 -10.76
C ASP A 301 -11.40 2.30 -9.30
N ASP A 302 -10.58 1.31 -9.02
CA ASP A 302 -9.75 1.37 -7.85
C ASP A 302 -8.71 2.41 -8.23
N ALA A 303 -8.02 2.97 -7.25
CA ALA A 303 -7.01 3.98 -7.50
C ALA A 303 -5.89 3.36 -8.37
N PRO A 304 -4.88 4.15 -8.76
CA PRO A 304 -4.76 5.62 -8.72
C PRO A 304 -5.45 6.31 -9.89
N ILE A 305 -5.94 7.51 -9.61
CA ILE A 305 -6.36 8.48 -10.60
C ILE A 305 -5.50 9.67 -10.31
N ALA A 306 -4.55 9.97 -11.18
CA ALA A 306 -3.61 11.03 -10.92
C ALA A 306 -3.54 11.83 -12.17
N ASN A 307 -3.12 11.15 -13.24
CA ASN A 307 -3.12 11.66 -14.60
C ASN A 307 -4.48 12.16 -15.00
N PHE A 308 -5.51 11.43 -14.63
CA PHE A 308 -6.87 11.79 -14.95
C PHE A 308 -7.23 13.17 -14.37
N LEU A 309 -7.00 13.32 -13.07
CA LEU A 309 -7.23 14.58 -12.39
C LEU A 309 -6.31 15.68 -12.91
N LYS A 310 -5.06 15.31 -13.21
CA LYS A 310 -4.11 16.26 -13.79
C LYS A 310 -4.59 16.77 -15.13
N SER A 311 -5.27 15.90 -15.87
CA SER A 311 -5.84 16.24 -17.17
C SER A 311 -7.00 17.19 -16.95
N LEU A 312 -7.78 16.99 -15.90
CA LEU A 312 -8.87 17.91 -15.60
C LEU A 312 -8.34 19.28 -15.16
N LEU A 313 -7.21 19.29 -14.46
CA LEU A 313 -6.62 20.53 -13.97
C LEU A 313 -6.04 21.32 -15.14
N ASP A 314 -5.35 20.64 -16.04
CA ASP A 314 -4.67 21.30 -17.17
C ASP A 314 -5.68 21.85 -18.17
N THR A 315 -6.87 21.27 -18.18
CA THR A 315 -7.98 21.78 -18.98
C THR A 315 -8.99 22.61 -18.18
N GLY A 316 -8.71 22.84 -16.90
CA GLY A 316 -9.51 23.75 -16.10
C GLY A 316 -10.91 23.30 -15.74
N ARG A 317 -11.14 21.99 -15.80
CA ARG A 317 -12.41 21.40 -15.35
C ARG A 317 -12.36 20.75 -13.95
N LEU A 318 -11.19 20.74 -13.31
CA LEU A 318 -11.06 20.00 -12.07
C LEU A 318 -11.84 20.58 -10.89
N ASP A 319 -11.67 21.88 -10.65
CA ASP A 319 -12.35 22.56 -9.55
C ASP A 319 -13.87 22.39 -9.70
N THR A 320 -14.33 22.55 -10.94
CA THR A 320 -15.73 22.36 -11.28
C THR A 320 -16.23 20.97 -10.90
N VAL A 321 -15.43 19.95 -11.20
CA VAL A 321 -15.80 18.56 -10.95
C VAL A 321 -15.78 18.20 -9.47
N ILE A 322 -14.78 18.69 -8.74
CA ILE A 322 -14.73 18.53 -7.30
C ILE A 322 -15.98 19.13 -6.63
N ASN A 323 -16.35 20.34 -7.05
CA ASN A 323 -17.55 21.00 -6.51
C ASN A 323 -18.90 20.43 -6.98
N LYS A 324 -18.97 19.94 -8.23
CA LYS A 324 -20.23 19.43 -8.78
C LYS A 324 -20.41 17.91 -8.61
N LEU A 325 -19.33 17.23 -8.21
CA LEU A 325 -19.39 15.83 -7.80
C LEU A 325 -20.17 15.76 -6.51
N PRO A 326 -20.88 14.65 -6.26
CA PRO A 326 -21.49 14.40 -4.95
C PRO A 326 -20.42 14.50 -3.89
N PHE A 327 -20.75 14.86 -2.65
CA PHE A 327 -19.72 14.95 -1.62
C PHE A 327 -19.33 13.52 -1.30
N ASN A 328 -18.28 13.35 -0.51
CA ASN A 328 -17.85 12.03 -0.06
C ASN A 328 -17.19 11.15 -1.13
N GLU A 329 -17.52 11.39 -2.40
CA GLU A 329 -16.68 10.96 -3.51
C GLU A 329 -15.65 12.03 -3.72
N ALA A 330 -16.12 13.27 -3.64
CA ALA A 330 -15.29 14.44 -3.78
C ALA A 330 -14.24 14.45 -2.70
N PHE A 331 -14.63 14.09 -1.48
CA PHE A 331 -13.69 14.13 -0.38
C PHE A 331 -12.58 13.09 -0.58
N LYS A 332 -12.98 11.90 -1.00
CA LYS A 332 -12.04 10.82 -1.32
C LYS A 332 -10.87 11.24 -2.23
N ILE A 333 -11.16 12.09 -3.22
CA ILE A 333 -10.14 12.46 -4.22
C ILE A 333 -9.40 13.74 -3.88
N LEU A 334 -9.71 14.34 -2.73
CA LEU A 334 -9.13 15.62 -2.34
C LEU A 334 -7.61 15.62 -2.10
N PRO A 335 -7.08 14.60 -1.40
CA PRO A 335 -5.63 14.58 -1.26
C PRO A 335 -4.88 14.52 -2.61
N CYS A 336 -5.28 13.63 -3.51
CA CYS A 336 -4.66 13.52 -4.82
C CYS A 336 -4.81 14.79 -5.67
N ALA A 337 -6.00 15.39 -5.60
CA ALA A 337 -6.25 16.69 -6.23
C ALA A 337 -5.27 17.76 -5.75
N ARG A 338 -5.10 17.89 -4.43
CA ARG A 338 -4.13 18.85 -3.92
C ARG A 338 -2.71 18.53 -4.37
N GLN A 339 -2.30 17.27 -4.22
CA GLN A 339 -0.98 16.83 -4.69
C GLN A 339 -0.71 17.19 -6.15
N ILE A 340 -1.78 17.23 -6.94
CA ILE A 340 -1.70 17.63 -8.35
C ILE A 340 -1.63 19.15 -8.54
N GLY A 341 -2.03 19.90 -7.52
CA GLY A 341 -2.09 21.36 -7.62
C GLY A 341 -3.45 22.04 -7.68
N TRP A 342 -4.51 21.32 -7.31
CA TRP A 342 -5.90 21.77 -7.39
C TRP A 342 -6.22 23.19 -6.89
N GLU A 343 -5.73 23.57 -5.72
CA GLU A 343 -5.83 24.97 -5.24
C GLU A 343 -7.16 25.46 -4.64
N GLY A 344 -8.22 24.65 -4.69
CA GLY A 344 -9.50 25.05 -4.13
C GLY A 344 -9.96 24.42 -2.83
N PHE A 345 -9.04 23.87 -2.05
CA PHE A 345 -9.41 23.13 -0.85
C PHE A 345 -10.08 23.97 0.26
N ASP A 346 -9.49 25.13 0.56
CA ASP A 346 -10.03 26.11 1.50
C ASP A 346 -11.54 26.34 1.30
N THR A 347 -11.88 26.86 0.12
CA THR A 347 -13.23 27.23 -0.25
C THR A 347 -14.15 26.02 -0.27
N PHE A 348 -13.58 24.88 -0.64
CA PHE A 348 -14.34 23.64 -0.64
C PHE A 348 -14.79 23.32 0.77
N LEU A 349 -13.85 23.29 1.70
CA LEU A 349 -14.15 23.05 3.10
C LEU A 349 -15.21 24.02 3.60
N LYS A 350 -14.94 25.31 3.44
CA LYS A 350 -15.85 26.33 3.96
C LYS A 350 -17.28 26.16 3.42
N THR A 351 -17.39 25.86 2.12
CA THR A 351 -18.69 25.84 1.44
C THR A 351 -19.48 24.54 1.59
N LYS A 352 -18.77 23.42 1.49
CA LYS A 352 -19.38 22.11 1.41
C LYS A 352 -19.48 21.31 2.71
N VAL A 353 -18.81 21.75 3.78
CA VAL A 353 -18.82 20.94 4.98
C VAL A 353 -19.97 21.34 5.92
N SER A 354 -20.96 20.45 6.01
CA SER A 354 -22.15 20.64 6.83
C SER A 354 -22.31 19.43 7.75
N PRO A 355 -23.01 19.60 8.89
CA PRO A 355 -23.17 18.50 9.86
C PRO A 355 -23.85 17.25 9.30
N SER A 356 -24.48 17.34 8.13
CA SER A 356 -25.04 16.16 7.47
C SER A 356 -23.95 15.36 6.75
N ASN A 357 -22.88 16.03 6.32
CA ASN A 357 -21.74 15.34 5.70
C ASN A 357 -20.49 15.08 6.53
N VAL A 358 -20.47 15.52 7.80
CA VAL A 358 -19.22 15.41 8.56
C VAL A 358 -18.82 14.01 8.94
N ASP A 359 -19.76 13.07 8.98
CA ASP A 359 -19.40 11.68 9.28
C ASP A 359 -18.47 11.11 8.22
N VAL A 360 -18.59 11.67 7.02
CA VAL A 360 -17.71 11.33 5.91
C VAL A 360 -16.31 11.88 6.15
N VAL A 361 -16.21 13.16 6.53
CA VAL A 361 -14.92 13.73 6.86
C VAL A 361 -14.24 12.95 7.99
N LEU A 362 -14.96 12.72 9.09
CA LEU A 362 -14.46 11.91 10.21
C LEU A 362 -13.98 10.52 9.77
N GLU A 363 -14.80 9.83 8.98
CA GLU A 363 -14.47 8.49 8.51
C GLU A 363 -13.16 8.48 7.69
N SER A 364 -13.13 9.32 6.65
CA SER A 364 -11.95 9.48 5.81
C SER A 364 -10.69 9.79 6.63
N LEU A 365 -10.82 10.68 7.61
CA LEU A 365 -9.67 11.02 8.45
C LEU A 365 -9.18 9.89 9.34
N GLU A 366 -10.11 9.16 9.95
CA GLU A 366 -9.78 7.95 10.71
C GLU A 366 -9.02 6.96 9.84
N VAL A 367 -9.59 6.65 8.68
CA VAL A 367 -8.95 5.75 7.73
C VAL A 367 -7.53 6.21 7.44
N GLN A 368 -7.36 7.49 7.13
CA GLN A 368 -6.02 8.04 6.90
C GLN A 368 -5.06 7.83 8.08
N THR A 369 -5.57 7.95 9.32
CA THR A 369 -4.74 7.66 10.49
C THR A 369 -4.31 6.19 10.56
N LYS A 370 -5.22 5.27 10.29
CA LYS A 370 -4.89 3.86 10.38
C LYS A 370 -4.02 3.34 9.20
N MET A 371 -3.80 4.19 8.19
CA MET A 371 -3.00 3.84 7.02
C MET A 371 -1.52 3.84 7.34
N THR A 372 -0.82 2.82 6.82
CA THR A 372 0.63 2.68 7.00
C THR A 372 1.31 2.70 5.65
N ASP A 373 2.54 3.22 5.61
CA ASP A 373 3.24 3.42 4.34
C ASP A 373 3.67 2.10 3.72
N THR A 376 -3.54 -0.27 2.12
CA THR A 376 -3.02 1.00 2.58
C THR A 376 -1.57 1.19 2.14
N PRO A 377 -1.37 1.58 0.88
CA PRO A 377 -0.21 1.63 -0.01
C PRO A 377 0.76 2.78 0.19
N PHE A 378 1.59 3.04 -0.82
CA PHE A 378 2.19 4.36 -0.92
C PHE A 378 0.97 5.29 -0.96
N ARG A 379 0.88 6.08 0.11
CA ARG A 379 -0.33 6.77 0.50
C ARG A 379 -0.33 8.26 0.20
N SER A 380 0.77 8.73 -0.40
CA SER A 380 0.96 10.13 -0.67
C SER A 380 -0.30 10.69 -1.33
N LEU A 381 -0.83 9.93 -2.28
CA LEU A 381 -2.06 10.29 -2.98
C LEU A 381 -3.33 10.10 -2.14
N LYS A 382 -3.26 9.23 -1.14
CA LYS A 382 -4.43 8.94 -0.29
C LYS A 382 -4.53 9.80 0.98
N THR A 383 -3.45 10.50 1.28
CA THR A 383 -3.28 11.16 2.55
C THR A 383 -3.05 12.66 2.35
N PHE A 384 -3.66 13.45 3.23
CA PHE A 384 -3.56 14.90 3.18
C PHE A 384 -2.18 15.40 3.56
N ASP A 385 -1.83 16.62 3.16
CA ASP A 385 -0.61 17.20 3.65
C ASP A 385 -0.90 17.88 4.99
N LEU A 386 0.13 18.39 5.66
CA LEU A 386 -0.07 18.93 7.01
C LEU A 386 -1.03 20.10 7.01
N PHE A 387 -0.95 20.91 5.96
CA PHE A 387 -1.75 22.13 5.86
C PHE A 387 -3.24 21.80 5.77
N ALA A 388 -3.55 20.79 4.97
CA ALA A 388 -4.92 20.34 4.84
C ALA A 388 -5.46 19.80 6.17
N PHE A 389 -4.69 18.93 6.82
CA PHE A 389 -5.04 18.39 8.15
C PHE A 389 -5.33 19.49 9.16
N HIS A 390 -4.42 20.45 9.21
CA HIS A 390 -4.57 21.59 10.10
C HIS A 390 -5.90 22.26 9.81
N SER A 391 -6.09 22.67 8.57
CA SER A 391 -7.35 23.30 8.15
C SER A 391 -8.58 22.47 8.54
N LEU A 392 -8.50 21.16 8.37
CA LEU A 392 -9.62 20.28 8.67
C LEU A 392 -9.95 20.27 10.14
N ILE A 393 -8.91 20.34 10.97
CA ILE A 393 -9.09 20.39 12.42
C ILE A 393 -9.77 21.70 12.79
N GLU A 394 -9.22 22.80 12.28
CA GLU A 394 -9.80 24.11 12.54
C GLU A 394 -11.28 24.16 12.17
N VAL A 395 -11.61 23.78 10.95
CA VAL A 395 -13.00 23.74 10.49
C VAL A 395 -13.88 22.80 11.34
N LEU A 396 -13.39 21.60 11.63
CA LEU A 396 -14.16 20.63 12.39
C LEU A 396 -14.49 21.07 13.84
N ASN A 397 -13.58 21.74 14.54
CA ASN A 397 -13.98 22.16 15.89
C ASN A 397 -14.94 23.36 15.90
N LYS A 398 -15.17 23.95 14.73
CA LYS A 398 -16.15 25.02 14.55
C LYS A 398 -17.52 24.52 14.13
N CYS A 399 -17.63 23.24 13.79
CA CYS A 399 -18.90 22.68 13.30
C CYS A 399 -19.77 22.14 14.43
N PRO A 400 -21.10 22.30 14.31
CA PRO A 400 -22.06 21.86 15.32
C PRO A 400 -22.09 20.35 15.49
N LEU A 401 -21.03 19.78 16.06
CA LEU A 401 -20.93 18.33 16.18
C LEU A 401 -21.95 17.71 17.13
N ASP A 402 -22.36 16.48 16.84
CA ASP A 402 -23.24 15.71 17.70
C ASP A 402 -22.39 15.28 18.90
N VAL A 403 -23.00 14.58 19.86
CA VAL A 403 -22.26 14.09 21.02
C VAL A 403 -21.28 13.02 20.55
N LEU A 404 -21.81 12.05 19.82
CA LEU A 404 -20.98 10.98 19.26
C LEU A 404 -19.95 11.52 18.28
N GLN A 405 -20.38 12.45 17.43
CA GLN A 405 -19.48 13.15 16.52
C GLN A 405 -18.37 13.91 17.27
N LEU A 406 -18.66 14.39 18.47
CA LEU A 406 -17.67 15.09 19.28
C LEU A 406 -16.65 14.11 19.86
N GLN A 407 -17.15 13.01 20.43
CA GLN A 407 -16.31 11.95 20.98
C GLN A 407 -15.33 11.54 19.90
N ARG A 408 -15.92 11.22 18.76
CA ARG A 408 -15.20 10.78 17.59
C ARG A 408 -14.14 11.78 17.16
N PHE A 409 -14.54 13.04 17.03
CA PHE A 409 -13.61 14.04 16.56
C PHE A 409 -12.42 14.24 17.50
N GLU A 410 -12.66 14.30 18.81
CA GLU A 410 -11.56 14.48 19.75
C GLU A 410 -10.60 13.29 19.74
N SER A 411 -11.21 12.09 19.80
CA SER A 411 -10.48 10.85 19.67
C SER A 411 -9.63 10.92 18.42
N LEU A 412 -10.18 11.60 17.41
CA LEU A 412 -9.51 11.74 16.13
C LEU A 412 -8.35 12.72 16.18
N GLU A 413 -8.47 13.78 16.98
CA GLU A 413 -7.36 14.72 17.15
C GLU A 413 -6.17 14.00 17.77
N PHE A 414 -6.47 13.11 18.71
CA PHE A 414 -5.43 12.29 19.29
C PHE A 414 -4.81 11.33 18.24
N SER A 415 -5.66 10.54 17.59
CA SER A 415 -5.16 9.54 16.64
C SER A 415 -4.37 10.23 15.53
N LEU A 416 -4.81 11.43 15.19
CA LEU A 416 -4.22 12.28 14.16
C LEU A 416 -2.82 12.72 14.53
N LEU A 417 -2.67 13.26 15.74
CA LEU A 417 -1.36 13.70 16.19
C LEU A 417 -0.42 12.50 16.46
N ILE A 418 -0.99 11.32 16.69
CA ILE A 418 -0.18 10.11 16.80
C ILE A 418 0.36 9.71 15.44
N ALA A 419 -0.52 9.76 14.42
CA ALA A 419 -0.17 9.35 13.07
C ALA A 419 0.63 10.40 12.30
N PHE A 420 0.37 11.66 12.55
CA PHE A 420 1.09 12.72 11.85
C PHE A 420 1.74 13.64 12.88
N PRO A 421 2.87 13.20 13.47
CA PRO A 421 3.50 13.98 14.53
C PRO A 421 3.94 15.40 14.14
N ARG A 422 4.20 15.68 12.87
CA ARG A 422 4.60 17.02 12.47
C ARG A 422 3.46 18.04 12.58
N LEU A 423 2.25 17.52 12.76
CA LEU A 423 1.11 18.34 13.09
C LEU A 423 1.27 19.17 14.37
N ILE A 424 2.10 18.70 15.32
CA ILE A 424 2.11 19.25 16.69
C ILE A 424 2.41 20.74 16.81
N ASN A 425 3.55 21.16 16.29
CA ASN A 425 3.94 22.56 16.23
C ASN A 425 3.51 23.28 14.94
N PHE A 426 2.66 22.66 14.13
CA PHE A 426 2.24 23.26 12.87
C PHE A 426 1.31 24.49 13.02
N GLY A 427 1.57 25.51 12.21
CA GLY A 427 0.65 26.63 12.08
C GLY A 427 0.91 27.77 13.05
N PHE A 428 2.08 27.72 13.68
CA PHE A 428 2.58 28.82 14.52
C PHE A 428 3.65 29.69 13.86
N GLY A 429 3.89 29.49 12.58
CA GLY A 429 4.79 30.37 11.84
C GLY A 429 6.15 29.74 11.60
N HIS A 430 6.22 28.45 11.91
CA HIS A 430 7.39 27.62 11.64
C HIS A 430 7.26 26.53 10.57
N ASP A 431 6.15 26.59 9.84
CA ASP A 431 5.76 25.51 8.91
C ASP A 431 6.79 25.15 7.84
N GLU A 432 7.47 26.12 7.26
CA GLU A 432 8.49 25.82 6.27
C GLU A 432 9.54 24.86 6.85
N ALA A 433 9.97 25.17 8.07
CA ALA A 433 10.92 24.35 8.82
C ALA A 433 10.42 22.94 9.02
N ILE A 434 9.18 22.82 9.51
CA ILE A 434 8.53 21.52 9.69
C ILE A 434 8.47 20.74 8.37
N LEU A 435 7.94 21.39 7.35
CA LEU A 435 7.69 20.76 6.07
C LEU A 435 8.98 20.34 5.37
N ALA A 436 10.11 20.90 5.78
CA ALA A 436 11.38 20.52 5.17
C ALA A 436 11.84 19.13 5.60
N ASN A 437 11.13 18.55 6.56
CA ASN A 437 11.45 17.22 7.07
C ASN A 437 10.60 16.18 6.38
N GLY A 438 9.71 16.66 5.52
CA GLY A 438 8.67 15.83 4.97
C GLY A 438 7.32 16.21 5.53
N ASP A 439 6.28 15.69 4.89
CA ASP A 439 4.91 15.92 5.29
C ASP A 439 4.49 14.87 6.33
N ILE A 440 4.20 13.67 5.83
CA ILE A 440 3.84 12.48 6.61
C ILE A 440 4.95 11.44 6.73
N ALA A 441 6.11 11.74 6.17
CA ALA A 441 7.17 10.76 5.87
C ALA A 441 7.60 9.82 7.00
N GLY A 442 7.57 10.31 8.22
CA GLY A 442 8.07 9.58 9.38
C GLY A 442 9.47 10.03 9.77
N ILE A 443 9.70 10.09 11.08
CA ILE A 443 10.91 10.67 11.66
C ILE A 443 12.13 9.75 11.45
N ASN A 444 13.25 10.36 11.07
CA ASN A 444 14.48 9.61 10.83
C ASN A 444 15.00 8.93 12.10
N ASN A 445 15.78 7.87 11.92
CA ASN A 445 16.28 7.05 13.03
C ASN A 445 17.28 7.78 13.91
N ASP A 446 18.07 8.66 13.30
CA ASP A 446 19.03 9.48 14.05
C ASP A 446 18.31 10.35 15.07
N ILE A 447 17.16 10.89 14.67
CA ILE A 447 16.35 11.71 15.56
C ILE A 447 15.69 10.91 16.68
N GLU A 448 15.03 9.81 16.34
CA GLU A 448 14.48 8.91 17.36
C GLU A 448 15.55 8.49 18.38
N LYS A 449 16.74 8.15 17.89
CA LYS A 449 17.83 7.69 18.75
C LYS A 449 18.33 8.80 19.66
N GLU A 450 18.66 9.96 19.06
CA GLU A 450 19.08 11.15 19.81
C GLU A 450 18.06 11.51 20.90
N MET A 451 16.83 11.79 20.47
CA MET A 451 15.66 12.05 21.30
C MET A 451 15.50 11.03 22.44
N GLN A 452 15.74 9.76 22.11
CA GLN A 452 15.62 8.67 23.09
C GLN A 452 16.68 8.78 24.18
N ASN A 453 17.95 8.89 23.77
CA ASN A 453 19.06 9.05 24.70
C ASN A 453 18.93 10.28 25.59
N TYR A 454 18.47 11.36 24.97
CA TYR A 454 18.17 12.60 25.66
C TYR A 454 17.18 12.36 26.81
N LEU A 455 15.98 11.93 26.42
CA LEU A 455 14.92 11.65 27.39
C LEU A 455 15.35 10.71 28.50
N GLN A 456 16.12 9.67 28.12
CA GLN A 456 16.67 8.71 29.07
C GLN A 456 17.50 9.40 30.13
N LYS A 457 18.46 10.23 29.68
CA LYS A 457 19.25 11.05 30.59
C LYS A 457 18.33 11.76 31.56
N MET A 458 17.20 12.27 31.08
CA MET A 458 16.26 12.85 32.04
C MET A 458 15.74 11.82 33.07
N TYR A 459 15.20 10.71 32.58
CA TYR A 459 14.72 9.65 33.50
C TYR A 459 15.77 9.02 34.44
N SER A 460 17.05 8.99 34.06
CA SER A 460 17.98 8.64 35.12
C SER A 460 18.79 9.87 35.48
N GLY A 461 18.21 10.68 36.36
CA GLY A 461 18.88 11.67 37.18
C GLY A 461 19.66 12.81 36.52
N GLU A 462 20.10 12.63 35.28
CA GLU A 462 21.17 13.48 34.77
C GLU A 462 20.65 14.85 34.32
N LEU A 463 19.59 14.82 33.54
CA LEU A 463 18.96 16.04 33.07
C LEU A 463 17.82 16.36 34.00
N ALA A 464 17.71 17.64 34.34
CA ALA A 464 16.54 18.14 35.02
C ALA A 464 15.44 18.39 33.99
N ILE A 465 14.21 18.13 34.39
CA ILE A 465 13.04 18.47 33.61
C ILE A 465 13.05 19.91 33.06
N LYS A 466 13.40 20.88 33.90
CA LYS A 466 13.48 22.26 33.40
C LYS A 466 14.54 22.46 32.30
N ASP A 467 15.48 21.53 32.17
CA ASP A 467 16.45 21.60 31.07
C ASP A 467 15.81 21.21 29.74
N VAL A 468 15.03 20.13 29.80
CA VAL A 468 14.35 19.59 28.65
C VAL A 468 13.35 20.67 28.20
N ILE A 469 12.61 21.19 29.18
CA ILE A 469 11.63 22.26 28.93
C ILE A 469 12.27 23.50 28.34
N GLU A 470 13.42 23.91 28.86
CA GLU A 470 14.11 25.03 28.26
C GLU A 470 14.43 24.74 26.80
N LEU A 471 14.99 23.56 26.53
CA LEU A 471 15.34 23.17 25.16
C LEU A 471 14.13 23.21 24.21
N LEU A 472 13.09 22.47 24.57
CA LEU A 472 11.88 22.43 23.80
C LEU A 472 11.37 23.83 23.51
N ARG A 473 11.35 24.68 24.54
CA ARG A 473 10.92 26.07 24.41
C ARG A 473 11.76 26.80 23.36
N ARG A 474 13.05 26.47 23.29
CA ARG A 474 13.91 27.04 22.26
C ARG A 474 13.50 26.56 20.86
N LEU A 475 13.40 25.25 20.70
CA LEU A 475 13.07 24.63 19.40
C LEU A 475 11.71 24.97 18.81
N ARG A 476 10.72 25.21 19.68
CA ARG A 476 9.36 25.59 19.30
C ARG A 476 9.34 26.74 18.30
N ASP A 477 10.15 27.77 18.56
CA ASP A 477 10.19 28.95 17.71
C ASP A 477 11.30 28.94 16.66
N SER A 478 12.02 27.84 16.52
CA SER A 478 13.12 27.77 15.57
C SER A 478 12.69 27.60 14.10
N ASP A 479 13.42 28.24 13.19
CA ASP A 479 13.21 28.07 11.75
C ASP A 479 14.13 27.04 11.11
N LEU A 480 15.01 26.46 11.92
CA LEU A 480 15.90 25.40 11.44
C LEU A 480 15.07 24.12 11.40
N PRO A 481 15.04 23.45 10.23
CA PRO A 481 14.18 22.27 10.08
C PRO A 481 14.43 21.16 11.12
N ARG A 482 15.69 20.87 11.42
CA ARG A 482 15.99 19.78 12.34
C ARG A 482 15.60 20.08 13.79
N ASP A 483 15.70 21.33 14.21
CA ASP A 483 15.25 21.72 15.54
C ASP A 483 13.77 21.39 15.68
N GLN A 484 13.01 21.90 14.72
CA GLN A 484 11.57 21.70 14.67
C GLN A 484 11.19 20.21 14.61
N GLU A 485 12.07 19.43 13.97
CA GLU A 485 11.92 17.98 13.94
C GLU A 485 12.11 17.34 15.30
N VAL A 486 13.22 17.66 15.96
CA VAL A 486 13.52 17.14 17.29
C VAL A 486 12.40 17.47 18.26
N PHE A 487 11.90 18.71 18.17
CA PHE A 487 10.75 19.12 18.97
C PHE A 487 9.56 18.19 18.74
N THR A 488 9.19 18.07 17.46
CA THR A 488 8.11 17.19 17.05
C THR A 488 8.29 15.81 17.68
N CYS A 489 9.51 15.30 17.58
CA CYS A 489 9.83 13.97 18.04
C CYS A 489 9.66 13.79 19.56
N ILE A 490 10.32 14.63 20.36
CA ILE A 490 10.22 14.56 21.81
C ILE A 490 8.77 14.68 22.31
N THR A 491 8.09 15.74 21.89
CA THR A 491 6.69 15.95 22.30
C THR A 491 5.74 14.80 21.90
N HIS A 492 5.88 14.37 20.64
CA HIS A 492 5.10 13.25 20.14
C HIS A 492 5.38 11.99 20.95
N ALA A 493 6.66 11.75 21.25
CA ALA A 493 7.07 10.58 22.01
C ALA A 493 6.37 10.55 23.37
N VAL A 494 6.34 11.70 24.05
CA VAL A 494 5.70 11.73 25.37
C VAL A 494 4.19 11.43 25.24
N ILE A 495 3.55 12.14 24.31
CA ILE A 495 2.11 11.98 24.14
C ILE A 495 1.72 10.56 23.72
N ALA A 496 2.44 9.99 22.76
CA ALA A 496 2.15 8.65 22.27
C ALA A 496 2.37 7.67 23.42
N GLU A 497 3.36 7.97 24.23
CA GLU A 497 3.66 7.14 25.39
C GLU A 497 2.58 7.24 26.48
N SER A 498 1.67 8.21 26.35
CA SER A 498 0.60 8.39 27.34
C SER A 498 -0.32 7.18 27.61
N THR A 499 -0.53 6.35 26.60
CA THR A 499 -1.34 5.14 26.72
C THR A 499 -0.76 4.13 27.71
N PHE A 500 0.53 4.25 27.97
CA PHE A 500 1.29 3.33 28.84
C PHE A 500 1.64 3.83 30.24
N PHE A 501 1.22 5.04 30.58
CA PHE A 501 1.56 5.60 31.86
C PHE A 501 1.07 4.73 33.01
N GLN A 502 -0.08 4.05 32.84
CA GLN A 502 -0.65 3.28 33.93
C GLN A 502 0.23 2.09 34.32
N ASP A 503 1.24 1.81 33.50
CA ASP A 503 2.22 0.76 33.78
C ASP A 503 3.52 1.29 34.36
N TYR A 504 3.64 2.59 34.46
CA TYR A 504 4.90 3.20 34.88
C TYR A 504 5.18 3.02 36.38
N PRO A 505 6.43 2.68 36.72
CA PRO A 505 6.83 2.79 38.12
C PRO A 505 6.69 4.23 38.53
N LEU A 506 6.51 4.45 39.84
CA LEU A 506 6.10 5.76 40.37
C LEU A 506 7.07 6.90 40.11
N ASP A 507 8.37 6.62 40.10
CA ASP A 507 9.34 7.68 39.89
C ASP A 507 9.32 8.15 38.45
N ALA A 508 9.40 7.19 37.54
CA ALA A 508 9.33 7.49 36.12
C ALA A 508 8.02 8.21 35.81
N LEU A 509 6.95 7.71 36.41
CA LEU A 509 5.63 8.28 36.23
C LEU A 509 5.57 9.73 36.71
N ALA A 510 6.19 9.98 37.87
CA ALA A 510 6.22 11.32 38.43
C ALA A 510 7.01 12.26 37.53
N THR A 511 8.16 11.80 37.06
CA THR A 511 8.98 12.62 36.19
C THR A 511 8.20 12.99 34.96
N THR A 512 7.56 11.99 34.34
CA THR A 512 6.78 12.22 33.15
C THR A 512 5.64 13.20 33.44
N SER A 513 5.01 13.02 34.59
CA SER A 513 3.92 13.89 35.02
C SER A 513 4.33 15.35 35.10
N VAL A 514 5.50 15.58 35.68
CA VAL A 514 6.01 16.93 35.80
C VAL A 514 6.44 17.50 34.45
N LEU A 515 7.01 16.65 33.59
CA LEU A 515 7.43 17.05 32.24
C LEU A 515 6.25 17.51 31.41
N PHE A 516 5.18 16.73 31.49
CA PHE A 516 3.98 16.94 30.72
C PHE A 516 3.34 18.24 31.17
N GLY A 517 3.12 18.33 32.48
CA GLY A 517 2.55 19.50 33.09
C GLY A 517 3.31 20.75 32.71
N SER A 518 4.64 20.68 32.78
CA SER A 518 5.49 21.82 32.44
C SER A 518 5.40 22.16 30.99
N MET A 519 5.17 21.15 30.15
CA MET A 519 4.92 21.38 28.72
C MET A 519 3.68 22.25 28.54
N ILE A 520 2.65 21.97 29.31
CA ILE A 520 1.46 22.80 29.31
C ILE A 520 1.78 24.19 29.87
N LEU A 521 2.56 24.24 30.95
CA LEU A 521 2.89 25.49 31.63
C LEU A 521 3.62 26.47 30.75
N PHE A 522 4.68 26.02 30.09
CA PHE A 522 5.51 26.88 29.25
C PHE A 522 5.10 26.98 27.78
N GLN A 523 3.90 26.47 27.49
CA GLN A 523 3.24 26.67 26.20
C GLN A 523 3.90 25.96 25.04
N LEU A 524 4.39 24.76 25.31
CA LEU A 524 4.96 23.90 24.30
C LEU A 524 3.84 23.17 23.56
N LEU A 525 2.70 23.01 24.23
CA LEU A 525 1.49 22.40 23.65
C LEU A 525 0.42 23.48 23.44
N ARG A 526 0.04 23.69 22.19
CA ARG A 526 -0.85 24.79 21.87
C ARG A 526 -1.96 24.31 20.95
N GLY A 527 -2.98 25.13 20.78
CA GLY A 527 -4.09 24.81 19.92
C GLY A 527 -4.78 23.50 20.22
N PHE A 528 -5.01 22.73 19.16
CA PHE A 528 -5.72 21.46 19.27
C PHE A 528 -4.90 20.50 20.10
N VAL A 529 -3.58 20.59 20.00
CA VAL A 529 -2.70 19.70 20.77
C VAL A 529 -2.81 19.96 22.28
N LEU A 530 -2.96 21.23 22.65
CA LEU A 530 -3.24 21.59 24.02
C LEU A 530 -4.59 21.00 24.43
N ASP A 531 -5.62 21.18 23.62
CA ASP A 531 -6.90 20.54 23.94
C ASP A 531 -6.77 19.02 24.15
N VAL A 532 -5.89 18.40 23.38
CA VAL A 532 -5.68 16.98 23.56
C VAL A 532 -5.10 16.75 24.95
N ALA A 533 -4.00 17.43 25.25
CA ALA A 533 -3.34 17.28 26.55
C ALA A 533 -4.32 17.43 27.71
N PHE A 534 -5.12 18.50 27.69
CA PHE A 534 -6.14 18.72 28.70
C PHE A 534 -7.15 17.58 28.76
N ARG A 535 -7.56 17.07 27.62
CA ARG A 535 -8.51 15.96 27.63
C ARG A 535 -7.89 14.71 28.26
N ILE A 536 -6.60 14.50 28.03
CA ILE A 536 -5.88 13.40 28.65
C ILE A 536 -5.79 13.57 30.16
N ILE A 537 -5.25 14.70 30.60
CA ILE A 537 -5.14 14.99 32.00
C ILE A 537 -6.49 14.79 32.71
N MET A 538 -7.54 15.37 32.13
CA MET A 538 -8.90 15.19 32.62
C MET A 538 -9.28 13.71 32.71
N ARG A 539 -9.05 12.97 31.64
CA ARG A 539 -9.45 11.57 31.58
C ARG A 539 -8.73 10.73 32.63
N PHE A 540 -7.49 11.10 32.93
CA PHE A 540 -6.71 10.46 33.97
C PHE A 540 -7.21 10.91 35.34
N ALA A 541 -7.72 12.14 35.42
CA ALA A 541 -8.15 12.69 36.68
C ALA A 541 -9.43 12.02 37.19
N LYS A 542 -10.20 11.42 36.28
CA LYS A 542 -11.45 10.79 36.66
C LYS A 542 -11.26 9.37 37.19
N GLU A 543 -10.01 8.92 37.17
CA GLU A 543 -9.62 7.58 37.63
C GLU A 543 -9.48 7.65 39.16
N PRO A 544 -9.72 6.52 39.87
CA PRO A 544 -9.73 6.50 41.35
C PRO A 544 -8.44 6.98 42.00
N PRO A 545 -8.51 7.72 43.13
CA PRO A 545 -7.32 8.31 43.78
C PRO A 545 -6.32 7.22 44.17
N GLU A 546 -5.04 7.55 44.25
CA GLU A 546 -3.97 6.58 44.52
C GLU A 546 -3.67 5.69 43.29
N SER A 547 -4.58 5.67 42.33
CA SER A 547 -4.28 5.02 41.04
C SER A 547 -3.29 5.88 40.24
N LYS A 548 -2.52 5.22 39.39
CA LYS A 548 -1.38 5.87 38.79
C LYS A 548 -1.81 7.01 37.90
N MET A 549 -2.87 6.79 37.12
CA MET A 549 -3.38 7.82 36.23
C MET A 549 -3.84 9.06 37.01
N PHE A 550 -4.53 8.84 38.12
CA PHE A 550 -4.96 9.93 38.98
C PHE A 550 -3.76 10.70 39.55
N LYS A 551 -2.74 9.99 40.04
CA LYS A 551 -1.55 10.65 40.59
C LYS A 551 -0.84 11.45 39.50
N PHE A 552 -0.89 10.91 38.29
CA PHE A 552 -0.37 11.59 37.10
C PHE A 552 -1.13 12.90 36.80
N ALA A 553 -2.46 12.81 36.78
CA ALA A 553 -3.28 13.98 36.52
C ALA A 553 -2.98 15.05 37.56
N VAL A 554 -2.99 14.65 38.82
CA VAL A 554 -2.68 15.54 39.95
C VAL A 554 -1.31 16.20 39.83
N GLN A 555 -0.26 15.42 39.62
CA GLN A 555 1.08 16.02 39.50
C GLN A 555 1.23 16.94 38.28
N ALA A 556 0.59 16.57 37.17
CA ALA A 556 0.63 17.38 35.96
C ALA A 556 -0.07 18.71 36.19
N ILE A 557 -1.33 18.64 36.62
CA ILE A 557 -2.10 19.83 36.96
C ILE A 557 -1.33 20.72 37.93
N TYR A 558 -0.69 20.09 38.91
CA TYR A 558 0.08 20.84 39.90
C TYR A 558 1.27 21.56 39.27
N ALA A 559 1.91 20.90 38.32
CA ALA A 559 3.14 21.39 37.71
C ALA A 559 2.89 22.59 36.80
N PHE A 560 1.67 22.71 36.30
CA PHE A 560 1.24 23.95 35.63
C PHE A 560 0.35 24.90 36.43
N ARG A 561 0.22 24.66 37.74
CA ARG A 561 -0.71 25.45 38.56
C ARG A 561 -0.64 26.97 38.37
N ILE A 562 0.56 27.51 38.21
CA ILE A 562 0.74 28.95 37.96
C ILE A 562 -0.11 29.47 36.78
N ARG A 563 -0.28 28.68 35.75
CA ARG A 563 -1.10 29.09 34.62
C ARG A 563 -2.55 28.63 34.66
N LEU A 564 -2.93 27.97 35.75
CA LEU A 564 -4.31 27.50 35.91
C LEU A 564 -5.34 28.60 35.70
N ALA A 565 -5.01 29.81 36.18
CA ALA A 565 -5.88 30.98 36.07
C ALA A 565 -6.30 31.30 34.64
N GLU A 566 -5.46 30.91 33.67
CA GLU A 566 -5.76 31.16 32.26
C GLU A 566 -6.88 30.26 31.73
N TYR A 567 -7.33 29.31 32.53
CA TYR A 567 -8.33 28.33 32.09
C TYR A 567 -9.41 28.06 33.12
N PRO A 568 -10.27 29.05 33.39
CA PRO A 568 -11.38 28.90 34.34
C PRO A 568 -12.38 27.80 33.99
N GLN A 569 -12.75 27.68 32.72
CA GLN A 569 -13.73 26.65 32.33
C GLN A 569 -13.20 25.26 32.65
N TYR A 570 -11.93 25.05 32.33
CA TYR A 570 -11.25 23.79 32.63
C TYR A 570 -11.25 23.56 34.13
N CYS A 571 -10.88 24.57 34.90
CA CYS A 571 -10.80 24.39 36.34
C CYS A 571 -12.16 24.01 36.92
N LYS A 572 -13.22 24.68 36.45
CA LYS A 572 -14.55 24.39 36.95
C LYS A 572 -14.98 22.99 36.58
N ASP A 573 -14.60 22.55 35.38
CA ASP A 573 -14.84 21.18 34.98
C ASP A 573 -14.15 20.21 35.95
N LEU A 574 -12.89 20.51 36.28
CA LEU A 574 -12.08 19.70 37.17
C LEU A 574 -12.74 19.60 38.52
N LEU A 575 -13.39 20.68 38.91
CA LEU A 575 -13.98 20.78 40.23
C LEU A 575 -15.31 20.05 40.32
N ARG A 576 -16.06 20.09 39.22
CA ARG A 576 -17.38 19.46 39.18
C ARG A 576 -17.28 17.96 38.96
N ASP A 577 -16.44 17.56 38.01
CA ASP A 577 -16.38 16.18 37.55
C ASP A 577 -15.39 15.30 38.33
N VAL A 578 -14.51 15.92 39.09
CA VAL A 578 -13.51 15.16 39.87
C VAL A 578 -13.52 15.51 41.36
N PRO A 579 -14.52 14.98 42.09
CA PRO A 579 -14.67 15.22 43.54
C PRO A 579 -13.39 14.87 44.29
N ALA A 580 -12.71 13.82 43.85
CA ALA A 580 -11.51 13.33 44.52
C ALA A 580 -10.38 14.36 44.62
N LEU A 581 -10.44 15.42 43.81
CA LEU A 581 -9.43 16.47 43.91
C LEU A 581 -9.46 17.10 45.29
N LYS A 582 -10.63 17.06 45.94
CA LYS A 582 -10.80 17.65 47.27
C LYS A 582 -9.84 16.99 48.27
N SER A 583 -9.21 15.87 47.86
CA SER A 583 -8.27 15.16 48.73
C SER A 583 -6.81 15.52 48.51
N GLN A 584 -6.51 16.35 47.52
CA GLN A 584 -5.16 16.84 47.31
C GLN A 584 -5.16 18.32 47.59
N ALA A 585 -4.64 18.72 48.74
CA ALA A 585 -4.92 20.04 49.30
C ALA A 585 -4.31 21.20 48.51
N GLN A 586 -3.02 21.07 48.22
CA GLN A 586 -2.26 21.96 47.35
C GLN A 586 -3.02 22.28 46.04
N VAL A 587 -3.24 21.22 45.27
CA VAL A 587 -3.83 21.32 43.95
C VAL A 587 -5.28 21.77 43.99
N TYR A 588 -6.05 21.24 44.92
CA TYR A 588 -7.46 21.61 45.04
C TYR A 588 -7.55 23.11 45.28
N GLN A 589 -6.75 23.58 46.24
CA GLN A 589 -6.61 24.99 46.57
C GLN A 589 -6.36 25.83 45.31
N SER A 590 -5.34 25.43 44.55
CA SER A 590 -4.99 26.17 43.32
C SER A 590 -6.10 26.19 42.29
N ILE A 591 -6.86 25.11 42.22
CA ILE A 591 -7.89 25.04 41.20
C ILE A 591 -9.07 25.92 41.54
N VAL A 592 -9.51 25.89 42.79
CA VAL A 592 -10.62 26.81 43.15
C VAL A 592 -10.15 28.29 43.18
N GLU A 593 -8.87 28.49 43.51
CA GLU A 593 -8.22 29.80 43.38
C GLU A 593 -8.32 30.30 41.94
N ALA A 594 -8.15 29.37 41.00
CA ALA A 594 -8.19 29.71 39.58
C ALA A 594 -9.61 29.64 39.04
N ALA A 595 -10.58 29.36 39.90
CA ALA A 595 -11.97 29.33 39.50
C ALA A 595 -12.55 30.76 39.47
N THR A 596 -11.66 31.75 39.62
CA THR A 596 -12.00 33.18 39.69
C THR A 596 -12.61 33.50 41.04
N LEU B 42 28.74 -5.99 71.20
CA LEU B 42 28.03 -7.27 71.19
C LEU B 42 28.28 -8.07 69.88
N GLU B 43 28.65 -9.34 69.99
CA GLU B 43 28.98 -10.15 68.80
C GLU B 43 28.38 -11.57 68.83
N GLY B 44 28.41 -12.26 67.68
CA GLY B 44 28.00 -13.65 67.60
C GLY B 44 26.51 -13.92 67.58
N GLU B 45 26.10 -15.03 68.23
CA GLU B 45 24.70 -15.44 68.23
C GLU B 45 23.87 -14.56 69.16
N SER B 46 24.53 -13.95 70.14
CA SER B 46 23.86 -12.93 70.93
C SER B 46 23.56 -11.73 70.03
N LEU B 47 24.58 -11.25 69.30
CA LEU B 47 24.41 -10.13 68.36
C LEU B 47 23.32 -10.41 67.33
N ASN B 48 23.17 -11.67 66.96
CA ASN B 48 22.21 -12.05 65.91
C ASN B 48 20.75 -11.67 66.22
N ASP B 49 20.51 -11.17 67.42
CA ASP B 49 19.16 -10.75 67.82
C ASP B 49 18.82 -9.29 67.48
N LEU B 50 19.69 -8.64 66.69
CA LEU B 50 19.26 -7.54 65.81
C LEU B 50 18.21 -8.01 64.80
N LEU B 51 18.06 -9.34 64.72
CA LEU B 51 16.89 -9.96 64.11
C LEU B 51 15.62 -9.36 64.69
N ALA B 52 15.60 -9.17 66.01
CA ALA B 52 14.46 -8.57 66.70
C ALA B 52 14.30 -7.10 66.31
N LEU B 53 15.42 -6.41 66.18
CA LEU B 53 15.43 -5.01 65.76
C LEU B 53 14.75 -4.83 64.40
N LEU B 54 15.19 -5.62 63.42
CA LEU B 54 14.57 -5.60 62.08
C LEU B 54 13.11 -6.05 62.14
N LEU B 55 12.84 -7.05 62.98
CA LEU B 55 11.51 -7.62 63.11
C LEU B 55 10.50 -6.59 63.60
N SER B 56 10.92 -5.76 64.56
CA SER B 56 10.05 -4.69 65.07
C SER B 56 10.07 -3.49 64.13
N GLU B 57 11.12 -3.39 63.32
CA GLU B 57 11.27 -2.29 62.38
C GLU B 57 10.39 -2.59 61.16
N ILE B 58 9.73 -3.74 61.23
CA ILE B 58 8.69 -4.18 60.31
C ILE B 58 7.34 -3.96 61.01
N LEU B 59 7.21 -4.53 62.21
CA LEU B 59 6.07 -4.29 63.09
C LEU B 59 5.81 -2.78 63.25
N SER B 60 4.53 -2.42 63.26
CA SER B 60 4.14 -1.03 63.48
C SER B 60 4.04 -0.72 64.97
N ALA B 83 9.39 2.67 64.66
CA ALA B 83 8.26 3.39 64.09
C ALA B 83 8.60 4.86 63.89
N THR B 84 8.84 5.27 62.63
CA THR B 84 9.13 6.68 62.32
C THR B 84 10.31 7.21 63.14
N ASN B 85 9.97 8.03 64.13
CA ASN B 85 10.91 8.68 65.03
C ASN B 85 12.09 7.78 65.40
N ARG B 86 11.84 6.69 66.11
CA ARG B 86 12.93 5.79 66.48
C ARG B 86 13.34 4.75 65.41
N GLY B 87 12.45 4.48 64.46
CA GLY B 87 12.74 3.52 63.41
C GLY B 87 13.97 3.87 62.58
N ASN B 88 14.08 5.15 62.24
CA ASN B 88 15.19 5.62 61.41
C ASN B 88 16.55 5.60 62.11
N VAL B 89 16.55 5.92 63.41
CA VAL B 89 17.78 5.82 64.19
C VAL B 89 18.15 4.33 64.39
N ILE B 90 17.13 3.45 64.40
CA ILE B 90 17.40 2.01 64.42
C ILE B 90 18.09 1.51 63.15
N ALA B 91 17.55 1.89 62.00
CA ALA B 91 18.16 1.54 60.72
C ALA B 91 19.57 2.12 60.61
N ARG B 92 19.71 3.36 61.06
CA ARG B 92 20.98 4.07 61.00
C ARG B 92 22.01 3.38 61.89
N SER B 93 21.55 2.85 63.02
CA SER B 93 22.43 2.16 63.97
C SER B 93 22.88 0.78 63.49
N ILE B 94 21.96 0.01 62.90
CA ILE B 94 22.33 -1.27 62.30
C ILE B 94 23.28 -1.07 61.10
N SER B 95 23.01 -0.03 60.29
CA SER B 95 23.89 0.37 59.18
C SER B 95 25.34 0.72 59.60
N SER B 96 25.49 1.12 60.87
CA SER B 96 26.78 1.49 61.48
C SER B 96 27.75 0.31 61.47
N LEU B 97 27.17 -0.89 61.34
CA LEU B 97 27.91 -2.16 61.32
C LEU B 97 28.62 -2.42 60.00
N GLN B 98 29.63 -3.30 60.06
CA GLN B 98 30.28 -3.80 58.86
C GLN B 98 29.52 -5.06 58.47
N ALA B 99 28.82 -4.99 57.35
CA ALA B 99 27.80 -5.99 57.03
C ALA B 99 28.36 -7.38 56.73
N ASN B 100 29.54 -7.42 56.10
CA ASN B 100 30.13 -8.68 55.68
C ASN B 100 30.65 -9.55 56.84
N GLN B 101 30.77 -8.94 58.03
CA GLN B 101 31.23 -9.65 59.21
C GLN B 101 30.07 -10.14 60.08
N ILE B 102 28.86 -9.84 59.64
CA ILE B 102 27.65 -10.39 60.23
C ILE B 102 27.18 -11.59 59.40
N ASN B 103 26.71 -12.63 60.09
CA ASN B 103 26.09 -13.71 59.37
C ASN B 103 24.59 -13.40 59.28
N TRP B 104 24.16 -12.99 58.09
CA TRP B 104 22.80 -12.51 57.89
C TRP B 104 21.81 -13.64 57.69
N ASN B 105 22.31 -14.78 57.21
CA ASN B 105 21.49 -15.99 57.09
C ASN B 105 20.84 -16.29 58.43
N ARG B 106 21.62 -16.16 59.49
CA ARG B 106 21.14 -16.44 60.83
C ARG B 106 20.05 -15.48 61.19
N VAL B 107 20.31 -14.20 60.97
CA VAL B 107 19.39 -13.13 61.30
C VAL B 107 18.02 -13.31 60.63
N PHE B 108 18.06 -13.52 59.32
CA PHE B 108 16.85 -13.70 58.51
C PHE B 108 16.10 -14.98 58.85
N ASN B 109 16.81 -16.09 58.97
CA ASN B 109 16.16 -17.34 59.37
C ASN B 109 15.59 -17.24 60.78
N LEU B 110 16.19 -16.36 61.57
CA LEU B 110 15.72 -16.09 62.92
C LEU B 110 14.41 -15.33 62.87
N MET B 111 14.33 -14.35 61.97
CA MET B 111 13.08 -13.63 61.76
C MET B 111 11.96 -14.56 61.30
N SER B 112 12.30 -15.43 60.34
CA SER B 112 11.37 -16.43 59.83
C SER B 112 10.84 -17.36 60.92
N THR B 113 11.76 -18.02 61.63
CA THR B 113 11.42 -18.99 62.67
C THR B 113 10.52 -18.41 63.78
N LYS B 114 11.06 -17.48 64.57
CA LYS B 114 10.24 -16.79 65.55
C LYS B 114 9.66 -15.56 64.86
N TYR B 115 8.35 -15.61 64.60
CA TYR B 115 7.73 -14.80 63.57
C TYR B 115 7.60 -13.32 63.90
N PHE B 116 6.85 -13.01 64.95
CA PHE B 116 6.61 -11.62 65.33
C PHE B 116 6.50 -11.38 66.85
N LEU B 117 6.23 -10.13 67.22
CA LEU B 117 6.03 -9.76 68.62
C LEU B 117 4.91 -8.73 68.77
N MET B 122 2.01 -7.22 58.37
CA MET B 122 2.35 -6.98 56.97
C MET B 122 3.01 -5.62 56.76
N PRO B 123 4.29 -5.64 56.39
CA PRO B 123 5.09 -4.44 56.16
C PRO B 123 4.48 -3.53 55.11
N THR B 124 4.73 -2.24 55.23
CA THR B 124 4.28 -1.28 54.23
C THR B 124 5.54 -0.76 53.55
N THR B 125 5.39 0.08 52.53
CA THR B 125 6.56 0.62 51.84
C THR B 125 7.48 1.43 52.77
N ALA B 126 6.91 2.17 53.72
CA ALA B 126 7.73 2.90 54.70
C ALA B 126 8.62 1.95 55.53
N SER B 127 8.02 0.86 56.03
CA SER B 127 8.71 -0.11 56.88
C SER B 127 9.84 -0.85 56.14
N LEU B 128 9.48 -1.45 55.00
CA LEU B 128 10.44 -2.07 54.10
C LEU B 128 11.55 -1.10 53.73
N SER B 129 11.17 0.14 53.45
CA SER B 129 12.14 1.17 53.14
C SER B 129 13.16 1.30 54.26
N CYS B 130 12.69 1.26 55.50
CA CYS B 130 13.66 1.34 56.60
C CYS B 130 14.45 0.02 56.80
N LEU B 131 13.86 -1.10 56.40
CA LEU B 131 14.55 -2.37 56.51
C LEU B 131 15.73 -2.40 55.52
N PHE B 132 15.48 -1.85 54.34
CA PHE B 132 16.50 -1.77 53.32
C PHE B 132 17.52 -0.69 53.70
N ALA B 133 17.08 0.35 54.38
CA ALA B 133 18.02 1.35 54.87
C ALA B 133 18.93 0.76 55.95
N ALA B 134 18.39 -0.18 56.74
CA ALA B 134 19.12 -0.84 57.81
C ALA B 134 20.15 -1.79 57.23
N LEU B 135 19.74 -2.49 56.17
CA LEU B 135 20.56 -3.50 55.51
C LEU B 135 21.60 -2.89 54.60
N HIS B 136 21.17 -1.91 53.82
CA HIS B 136 22.00 -1.00 53.02
C HIS B 136 22.86 -1.59 51.90
N ASP B 137 23.29 -2.84 52.04
CA ASP B 137 24.28 -3.39 51.11
C ASP B 137 23.60 -4.35 50.19
N GLY B 138 23.81 -4.18 48.89
CA GLY B 138 23.19 -5.03 47.90
C GLY B 138 23.25 -6.54 48.17
N PRO B 139 24.44 -7.09 48.50
CA PRO B 139 24.50 -8.50 48.86
C PRO B 139 23.65 -8.84 50.08
N VAL B 140 23.58 -7.95 51.05
CA VAL B 140 22.71 -8.22 52.18
C VAL B 140 21.24 -8.21 51.75
N ILE B 141 20.89 -7.29 50.87
CA ILE B 141 19.51 -7.14 50.42
C ILE B 141 19.07 -8.36 49.63
N ASP B 142 19.94 -8.82 48.73
CA ASP B 142 19.75 -10.07 48.00
C ASP B 142 19.59 -11.22 48.98
N GLU B 143 20.38 -11.18 50.04
CA GLU B 143 20.27 -12.22 51.07
C GLU B 143 18.91 -12.20 51.75
N PHE B 144 18.42 -11.00 52.06
CA PHE B 144 17.08 -10.83 52.59
C PHE B 144 16.04 -11.46 51.68
N PHE B 145 16.17 -11.23 50.36
CA PHE B 145 15.23 -11.80 49.37
C PHE B 145 15.29 -13.33 49.24
N SER B 146 16.49 -13.89 49.29
CA SER B 146 16.66 -15.33 49.04
C SER B 146 16.27 -16.16 50.25
N CYS B 147 16.05 -15.51 51.38
CA CYS B 147 15.57 -16.21 52.57
C CYS B 147 14.18 -16.73 52.29
N ASP B 148 13.80 -17.85 52.88
CA ASP B 148 12.56 -18.48 52.49
C ASP B 148 11.45 -17.99 53.42
N TRP B 149 10.71 -17.00 52.93
CA TRP B 149 9.60 -16.38 53.65
C TRP B 149 8.26 -17.07 53.47
N LYS B 150 7.36 -16.88 54.42
CA LYS B 150 5.95 -17.21 54.22
C LYS B 150 5.44 -16.54 52.94
N VAL B 151 4.66 -17.28 52.16
CA VAL B 151 4.12 -16.78 50.88
C VAL B 151 3.34 -15.46 51.00
N ILE B 152 2.59 -15.32 52.09
CA ILE B 152 1.85 -14.10 52.38
C ILE B 152 2.79 -12.89 52.45
N PHE B 153 3.95 -13.08 53.09
CA PHE B 153 4.92 -12.02 53.24
C PHE B 153 5.60 -11.67 51.91
N LYS B 154 5.77 -12.69 51.05
CA LYS B 154 6.43 -12.51 49.74
C LYS B 154 5.50 -11.77 48.80
N LEU B 155 4.23 -12.11 48.91
CA LEU B 155 3.16 -11.47 48.15
C LEU B 155 3.13 -10.02 48.58
N ASP B 156 3.20 -9.80 49.89
CA ASP B 156 3.15 -8.44 50.42
C ASP B 156 4.36 -7.63 49.96
N LEU B 157 5.53 -8.24 50.11
CA LEU B 157 6.80 -7.66 49.73
C LEU B 157 6.81 -7.19 48.27
N ALA B 158 6.38 -8.06 47.35
CA ALA B 158 6.30 -7.74 45.91
C ALA B 158 5.32 -6.62 45.60
N ILE B 159 4.14 -6.74 46.21
CA ILE B 159 3.11 -5.72 46.13
C ILE B 159 3.58 -4.35 46.65
N GLN B 160 4.33 -4.34 47.75
CA GLN B 160 4.79 -3.06 48.30
C GLN B 160 5.94 -2.50 47.47
N LEU B 161 6.69 -3.36 46.80
CA LEU B 161 7.78 -2.86 45.97
C LEU B 161 7.21 -2.25 44.70
N HIS B 162 6.02 -2.68 44.31
CA HIS B 162 5.44 -2.14 43.08
C HIS B 162 5.01 -0.70 43.29
N LYS B 163 4.78 -0.36 44.56
CA LYS B 163 4.39 0.99 45.02
C LYS B 163 5.61 1.82 45.40
N TRP B 164 6.80 1.33 45.08
CA TRP B 164 8.05 1.97 45.49
C TRP B 164 8.20 3.32 44.84
N SER B 165 8.56 4.35 45.63
CA SER B 165 9.11 5.56 45.03
C SER B 165 10.24 6.25 45.82
N VAL B 166 11.39 6.40 45.18
CA VAL B 166 12.51 7.13 45.78
C VAL B 166 12.14 8.58 46.06
N GLN B 167 11.37 9.20 45.15
CA GLN B 167 10.90 10.59 45.29
C GLN B 167 10.08 10.88 46.56
N ASN B 168 9.32 9.91 47.05
CA ASN B 168 8.67 10.05 48.36
C ASN B 168 9.56 9.61 49.51
N GLY B 169 10.79 9.20 49.20
CA GLY B 169 11.76 8.95 50.25
C GLY B 169 12.02 7.50 50.60
N CYS B 170 11.57 6.58 49.73
CA CYS B 170 11.95 5.17 49.85
C CYS B 170 13.42 5.00 49.62
N PHE B 171 13.98 3.97 50.26
CA PHE B 171 15.38 3.62 50.06
C PHE B 171 15.66 3.37 48.60
N ASP B 172 16.78 3.84 48.10
CA ASP B 172 17.02 3.66 46.68
C ASP B 172 17.72 2.31 46.45
N LEU B 173 16.93 1.34 46.03
CA LEU B 173 17.41 -0.02 45.79
C LEU B 173 18.17 -0.09 44.48
N LEU B 174 17.65 0.57 43.45
CA LEU B 174 18.30 0.61 42.15
C LEU B 174 19.76 1.10 42.26
N ASN B 175 20.06 1.91 43.26
CA ASN B 175 21.45 2.34 43.45
C ASN B 175 22.28 1.61 44.51
N ALA B 176 21.69 0.60 45.15
CA ALA B 176 22.45 -0.25 46.05
C ALA B 176 23.45 -1.04 45.23
N GLU B 177 24.72 -0.96 45.63
CA GLU B 177 25.77 -1.63 44.87
C GLU B 177 25.84 -3.12 45.17
N GLY B 178 26.13 -3.91 44.14
CA GLY B 178 26.37 -5.34 44.32
C GLY B 178 25.15 -6.24 44.36
N THR B 179 24.01 -5.74 43.89
CA THR B 179 22.85 -6.59 43.71
C THR B 179 22.95 -7.33 42.40
N ARG B 180 22.31 -8.49 42.33
CA ARG B 180 22.29 -9.29 41.10
C ARG B 180 21.36 -8.70 40.05
N LYS B 181 21.80 -8.65 38.80
CA LYS B 181 20.96 -8.03 37.78
C LYS B 181 20.41 -9.06 36.81
N VAL B 182 19.27 -8.79 36.21
CA VAL B 182 18.72 -9.74 35.25
C VAL B 182 19.62 -9.86 34.03
N SER B 183 20.50 -8.90 33.85
CA SER B 183 21.45 -8.89 32.77
C SER B 183 22.70 -8.16 33.22
N GLU B 184 23.86 -8.64 32.78
CA GLU B 184 25.12 -7.97 33.07
C GLU B 184 25.52 -7.07 31.90
N THR B 185 24.72 -7.13 30.84
CA THR B 185 25.01 -6.38 29.63
C THR B 185 24.03 -5.23 29.44
N ILE B 186 22.74 -5.56 29.27
CA ILE B 186 21.67 -4.57 29.12
C ILE B 186 21.55 -3.68 30.36
N PRO B 187 21.65 -2.36 30.15
CA PRO B 187 21.55 -1.34 31.21
C PRO B 187 20.10 -1.11 31.63
N ASN B 188 19.84 -0.58 32.83
CA ASN B 188 18.45 -0.44 33.22
C ASN B 188 17.96 0.91 32.70
N THR B 189 17.36 0.90 31.51
CA THR B 189 16.82 2.10 30.90
C THR B 189 15.41 2.34 31.39
N LYS B 190 14.66 1.25 31.53
CA LYS B 190 13.33 1.29 32.09
C LYS B 190 13.23 1.79 33.56
N GLN B 191 14.37 1.81 34.26
CA GLN B 191 14.39 2.27 35.66
C GLN B 191 13.45 1.47 36.55
N SER B 192 13.43 0.15 36.35
CA SER B 192 12.51 -0.75 37.03
C SER B 192 13.24 -1.56 38.06
N LEU B 193 12.61 -1.76 39.22
CA LEU B 193 13.10 -2.63 40.28
C LEU B 193 13.23 -4.07 39.77
N LEU B 194 12.55 -4.38 38.67
CA LEU B 194 12.59 -5.73 38.12
C LEU B 194 13.93 -5.99 37.45
N TYR B 195 14.75 -4.95 37.32
CA TYR B 195 16.11 -5.10 36.86
C TYR B 195 16.87 -5.92 37.89
N LEU B 196 16.52 -5.72 39.16
CA LEU B 196 17.13 -6.48 40.22
C LEU B 196 16.55 -7.87 40.20
N LEU B 197 17.44 -8.84 39.97
CA LEU B 197 17.10 -10.24 39.80
C LEU B 197 16.28 -10.79 40.95
N SER B 198 16.55 -10.30 42.15
CA SER B 198 15.87 -10.76 43.36
C SER B 198 14.39 -10.53 43.24
N ILE B 199 14.06 -9.33 42.77
CA ILE B 199 12.71 -8.83 42.72
C ILE B 199 11.97 -9.46 41.54
N ALA B 200 12.67 -9.56 40.42
CA ALA B 200 12.11 -10.13 39.20
C ALA B 200 11.69 -11.54 39.51
N SER B 201 12.62 -12.25 40.15
CA SER B 201 12.41 -13.63 40.50
C SER B 201 11.38 -13.82 41.58
N LEU B 202 11.24 -12.83 42.46
CA LEU B 202 10.15 -12.83 43.44
C LEU B 202 8.82 -12.85 42.70
N ASN B 203 8.69 -11.94 41.75
CA ASN B 203 7.44 -11.82 41.02
C ASN B 203 7.14 -13.05 40.20
N LEU B 204 8.15 -13.58 39.52
CA LEU B 204 7.94 -14.77 38.71
C LEU B 204 7.54 -15.92 39.64
N GLU B 205 8.19 -15.98 40.79
CA GLU B 205 7.98 -17.08 41.73
C GLU B 205 6.55 -17.09 42.25
N LEU B 206 6.05 -15.90 42.58
CA LEU B 206 4.67 -15.74 43.02
C LEU B 206 3.68 -16.06 41.89
N PHE B 207 3.95 -15.51 40.72
CA PHE B 207 3.05 -15.61 39.58
C PHE B 207 2.92 -17.06 39.11
N LEU B 208 4.02 -17.79 39.08
CA LEU B 208 4.01 -19.15 38.54
C LEU B 208 3.19 -20.05 39.44
N GLN B 209 3.11 -19.65 40.70
CA GLN B 209 2.36 -20.34 41.75
C GLN B 209 0.91 -19.84 41.96
N ARG B 210 0.41 -19.03 41.02
CA ARG B 210 -0.91 -18.36 41.14
C ARG B 210 -2.03 -19.25 41.70
N GLU B 211 -2.16 -20.45 41.17
CA GLU B 211 -3.31 -21.31 41.48
C GLU B 211 -3.18 -22.03 42.81
N GLU B 212 -1.94 -22.28 43.23
CA GLU B 212 -1.66 -23.04 44.43
C GLU B 212 -1.79 -22.16 45.66
N LEU B 213 -2.17 -20.92 45.45
CA LEU B 213 -2.22 -19.94 46.52
C LEU B 213 -3.65 -19.58 46.89
N SER B 214 -3.82 -19.19 48.15
CA SER B 214 -5.10 -18.66 48.63
C SER B 214 -5.51 -17.47 47.78
N ASP B 215 -6.78 -17.37 47.45
CA ASP B 215 -7.24 -16.19 46.74
C ASP B 215 -7.71 -15.20 47.79
N GLY B 216 -6.90 -14.17 48.01
CA GLY B 216 -7.26 -13.08 48.89
C GLY B 216 -7.47 -11.84 48.05
N PRO B 217 -7.53 -10.67 48.70
CA PRO B 217 -7.47 -9.42 47.93
C PRO B 217 -6.05 -9.20 47.41
N MET B 218 -5.07 -9.71 48.16
CA MET B 218 -3.68 -9.48 47.84
C MET B 218 -3.21 -10.29 46.65
N LEU B 219 -3.78 -11.49 46.49
CA LEU B 219 -3.46 -12.33 45.34
C LEU B 219 -3.84 -11.59 44.05
N ALA B 220 -5.07 -11.13 43.99
CA ALA B 220 -5.57 -10.41 42.82
C ALA B 220 -4.82 -9.09 42.61
N TYR B 221 -4.58 -8.36 43.70
CA TYR B 221 -3.86 -7.10 43.60
C TYR B 221 -2.46 -7.33 43.01
N PHE B 222 -1.78 -8.34 43.51
CA PHE B 222 -0.51 -8.74 42.94
C PHE B 222 -0.67 -9.07 41.47
N GLN B 223 -1.81 -9.64 41.09
CA GLN B 223 -2.01 -9.95 39.67
C GLN B 223 -2.09 -8.69 38.80
N GLU B 224 -2.73 -7.64 39.31
CA GLU B 224 -2.69 -6.36 38.62
C GLU B 224 -1.25 -5.80 38.57
N CYS B 225 -0.50 -5.98 39.65
CA CYS B 225 0.89 -5.55 39.71
C CYS B 225 1.75 -6.21 38.65
N PHE B 226 1.69 -7.54 38.62
CA PHE B 226 2.45 -8.30 37.66
C PHE B 226 1.99 -7.98 36.26
N PHE B 227 0.70 -7.71 36.05
CA PHE B 227 0.23 -7.44 34.69
C PHE B 227 0.87 -6.14 34.22
N GLU B 228 0.97 -5.19 35.15
CA GLU B 228 1.66 -3.94 34.90
C GLU B 228 3.13 -4.15 34.55
N ASP B 229 3.79 -5.02 35.32
CA ASP B 229 5.20 -5.35 35.08
C ASP B 229 5.40 -6.01 33.72
N PHE B 230 4.49 -6.92 33.41
CA PHE B 230 4.40 -7.61 32.13
C PHE B 230 4.26 -6.63 30.95
N ASN B 231 3.57 -5.50 31.18
CA ASN B 231 3.52 -4.44 30.17
C ASN B 231 4.68 -3.44 30.14
N TYR B 232 5.20 -3.06 31.30
CA TYR B 232 6.27 -2.07 31.38
C TYR B 232 7.64 -2.60 31.01
N ALA B 233 8.03 -3.73 31.59
CA ALA B 233 9.37 -4.25 31.37
C ALA B 233 9.48 -5.76 31.21
N PRO B 234 8.80 -6.34 30.20
CA PRO B 234 8.86 -7.80 30.03
C PRO B 234 10.26 -8.33 29.72
N GLU B 235 11.14 -7.51 29.15
CA GLU B 235 12.51 -7.92 28.90
C GLU B 235 13.21 -8.36 30.19
N TYR B 236 12.91 -7.68 31.28
CA TYR B 236 13.54 -7.99 32.57
C TYR B 236 12.97 -9.25 33.18
N LEU B 237 11.64 -9.35 33.11
CA LEU B 237 10.95 -10.58 33.49
C LEU B 237 11.47 -11.82 32.77
N ILE B 238 11.72 -11.72 31.47
CA ILE B 238 12.15 -12.88 30.71
C ILE B 238 13.63 -13.18 30.89
N LEU B 239 14.45 -12.13 30.96
CA LEU B 239 15.86 -12.35 31.24
C LEU B 239 16.01 -13.06 32.58
N ALA B 240 15.21 -12.66 33.57
CA ALA B 240 15.21 -13.35 34.85
C ALA B 240 14.66 -14.77 34.78
N LEU B 241 13.59 -14.99 34.02
CA LEU B 241 13.06 -16.35 33.87
C LEU B 241 14.11 -17.30 33.29
N VAL B 242 14.90 -16.81 32.34
CA VAL B 242 15.94 -17.62 31.74
C VAL B 242 17.14 -17.83 32.67
N LYS B 243 17.63 -16.73 33.26
CA LYS B 243 18.84 -16.79 34.06
C LYS B 243 18.69 -17.78 35.23
N GLU B 244 17.48 -17.81 35.76
CA GLU B 244 17.07 -18.66 36.87
C GLU B 244 16.24 -19.89 36.55
N MET B 245 16.22 -20.29 35.29
CA MET B 245 15.32 -21.35 34.83
C MET B 245 15.28 -22.69 35.56
N LYS B 246 16.45 -23.23 35.93
CA LYS B 246 16.51 -24.48 36.72
C LYS B 246 15.57 -24.35 37.92
N ARG B 247 15.74 -23.25 38.64
CA ARG B 247 14.95 -22.98 39.82
C ARG B 247 13.46 -23.05 39.56
N PHE B 248 12.98 -22.34 38.55
CA PHE B 248 11.54 -22.26 38.31
C PHE B 248 10.98 -23.59 37.81
N VAL B 249 11.73 -24.27 36.95
CA VAL B 249 11.31 -25.59 36.47
C VAL B 249 11.16 -26.52 37.67
N LEU B 250 12.10 -26.41 38.60
CA LEU B 250 12.12 -27.28 39.79
C LEU B 250 11.03 -26.92 40.79
N LEU B 251 10.67 -25.64 40.79
CA LEU B 251 9.67 -25.13 41.70
C LEU B 251 8.29 -25.63 41.28
N ILE B 252 7.96 -25.42 40.01
CA ILE B 252 6.64 -25.81 39.49
C ILE B 252 6.56 -27.32 39.17
N GLU B 253 7.72 -27.90 38.85
CA GLU B 253 7.86 -29.31 38.46
C GLU B 253 6.99 -29.64 37.25
N ASN B 254 6.77 -28.63 36.43
CA ASN B 254 6.13 -28.79 35.14
C ASN B 254 6.90 -27.97 34.14
N ARG B 255 7.57 -28.60 33.19
CA ARG B 255 8.43 -27.84 32.30
C ARG B 255 7.63 -27.03 31.30
N THR B 256 6.51 -27.58 30.85
CA THR B 256 5.71 -26.90 29.80
C THR B 256 5.00 -25.65 30.29
N VAL B 257 4.72 -25.54 31.58
CA VAL B 257 4.22 -24.29 32.14
C VAL B 257 5.27 -23.16 32.04
N ILE B 258 6.52 -23.51 32.35
CA ILE B 258 7.67 -22.62 32.19
C ILE B 258 7.86 -22.27 30.72
N ASP B 259 7.68 -23.26 29.86
CA ASP B 259 7.76 -23.04 28.41
C ASP B 259 6.69 -22.06 27.90
N GLU B 260 5.43 -22.36 28.18
CA GLU B 260 4.32 -21.49 27.82
C GLU B 260 4.51 -20.04 28.34
N ILE B 261 4.84 -19.88 29.63
CA ILE B 261 5.06 -18.53 30.18
C ILE B 261 6.20 -17.83 29.43
N LEU B 262 7.25 -18.60 29.17
CA LEU B 262 8.40 -18.14 28.37
C LEU B 262 7.99 -17.62 26.98
N ILE B 263 7.08 -18.33 26.33
CA ILE B 263 6.65 -17.92 24.99
C ILE B 263 5.78 -16.65 25.04
N THR B 264 4.82 -16.62 25.96
CA THR B 264 4.02 -15.43 26.18
C THR B 264 4.93 -14.22 26.35
N LEU B 265 5.89 -14.35 27.27
CA LEU B 265 6.91 -13.32 27.49
C LEU B 265 7.63 -12.91 26.21
N LEU B 266 8.04 -13.89 25.41
CA LEU B 266 8.83 -13.59 24.21
C LEU B 266 8.01 -12.75 23.23
N ILE B 267 6.79 -13.19 23.00
CA ILE B 267 5.84 -12.51 22.13
C ILE B 267 5.65 -11.09 22.63
N GLN B 268 5.55 -10.95 23.96
CA GLN B 268 5.31 -9.67 24.63
C GLN B 268 6.49 -8.73 24.55
N VAL B 269 7.72 -9.25 24.58
CA VAL B 269 8.90 -8.44 24.37
C VAL B 269 8.91 -7.95 22.95
N HIS B 270 8.48 -8.80 22.02
CA HIS B 270 8.29 -8.29 20.65
C HIS B 270 7.26 -7.13 20.56
N ASN B 271 6.09 -7.29 21.18
CA ASN B 271 5.05 -6.27 21.08
C ASN B 271 5.39 -4.93 21.74
N LYS B 272 5.75 -4.95 23.02
CA LYS B 272 6.19 -3.74 23.73
C LYS B 272 7.70 -3.87 23.85
N SER B 273 8.41 -2.76 23.69
CA SER B 273 9.88 -2.80 23.70
C SER B 273 10.56 -3.88 22.80
N PRO B 274 10.42 -3.74 21.47
CA PRO B 274 11.16 -4.61 20.53
C PRO B 274 12.67 -4.32 20.48
N SER B 275 13.07 -3.12 20.90
CA SER B 275 14.50 -2.78 20.93
C SER B 275 15.29 -3.70 21.84
N SER B 276 14.61 -4.47 22.68
CA SER B 276 15.27 -5.48 23.50
C SER B 276 15.30 -6.90 22.93
N PHE B 277 14.52 -7.14 21.85
CA PHE B 277 14.23 -8.49 21.38
C PHE B 277 15.47 -9.33 21.09
N LYS B 278 16.34 -8.79 20.27
CA LYS B 278 17.60 -9.42 19.92
C LYS B 278 18.28 -9.91 21.19
N ASP B 279 18.43 -9.01 22.15
CA ASP B 279 19.14 -9.29 23.41
C ASP B 279 18.52 -10.43 24.19
N VAL B 280 17.19 -10.51 24.16
CA VAL B 280 16.48 -11.61 24.80
C VAL B 280 16.76 -12.91 24.05
N ILE B 281 16.61 -12.85 22.73
CA ILE B 281 16.78 -14.02 21.86
C ILE B 281 18.14 -14.63 22.10
N SER B 282 19.13 -13.75 22.23
CA SER B 282 20.51 -14.13 22.49
C SER B 282 20.63 -15.15 23.62
N THR B 283 19.89 -14.92 24.70
CA THR B 283 20.06 -15.71 25.92
C THR B 283 19.25 -17.01 25.91
N ILE B 284 18.46 -17.22 24.87
CA ILE B 284 17.66 -18.44 24.76
C ILE B 284 18.32 -19.50 23.88
N THR B 285 18.37 -20.74 24.36
CA THR B 285 19.02 -21.84 23.64
C THR B 285 18.07 -22.68 22.79
N ASP B 286 17.06 -23.27 23.44
CA ASP B 286 16.03 -24.02 22.75
C ASP B 286 15.36 -23.14 21.70
N ASP B 287 15.39 -23.57 20.43
CA ASP B 287 14.80 -22.78 19.35
C ASP B 287 13.35 -23.21 19.13
N SER B 288 12.96 -24.27 19.83
CA SER B 288 11.58 -24.74 19.85
C SER B 288 10.69 -23.57 20.30
N LYS B 289 11.16 -22.84 21.31
CA LYS B 289 10.47 -21.69 21.85
C LYS B 289 10.35 -20.56 20.84
N ILE B 290 11.51 -20.14 20.31
CA ILE B 290 11.55 -19.08 19.31
C ILE B 290 10.63 -19.35 18.13
N VAL B 291 10.61 -20.58 17.64
CA VAL B 291 9.69 -20.96 16.56
C VAL B 291 8.24 -20.86 17.02
N ASP B 292 7.92 -21.47 18.17
CA ASP B 292 6.58 -21.34 18.76
C ASP B 292 6.12 -19.87 18.80
N ALA B 293 7.05 -18.97 19.13
CA ALA B 293 6.76 -17.54 19.26
C ALA B 293 6.60 -16.86 17.92
N ALA B 294 7.49 -17.21 16.99
CA ALA B 294 7.48 -16.66 15.64
C ALA B 294 6.19 -17.02 14.92
N LYS B 295 5.72 -18.25 15.11
CA LYS B 295 4.46 -18.73 14.54
C LYS B 295 3.27 -17.86 14.94
N ILE B 296 3.27 -17.42 16.19
CA ILE B 296 2.20 -16.58 16.72
C ILE B 296 2.33 -15.13 16.26
N ILE B 297 3.53 -14.58 16.36
CA ILE B 297 3.83 -13.26 15.84
C ILE B 297 3.47 -13.14 14.37
N ILE B 298 3.70 -14.20 13.59
CA ILE B 298 3.40 -14.10 12.16
C ILE B 298 1.92 -13.87 11.90
N ASN B 299 1.05 -14.79 12.34
CA ASN B 299 -0.40 -14.66 12.10
C ASN B 299 -1.08 -13.53 12.88
N SER B 300 -0.52 -13.17 14.03
CA SER B 300 -1.14 -12.16 14.88
C SER B 300 -0.97 -10.80 14.24
N ASP B 301 0.27 -10.35 14.17
CA ASP B 301 0.59 -9.05 13.60
C ASP B 301 0.07 -8.91 12.17
N ASP B 302 -0.45 -7.74 11.85
CA ASP B 302 -0.48 -7.31 10.47
C ASP B 302 0.97 -6.91 10.21
N ALA B 303 1.38 -6.86 8.95
CA ALA B 303 2.77 -6.53 8.63
C ALA B 303 3.06 -5.07 9.06
N PRO B 304 4.32 -4.61 8.93
CA PRO B 304 5.60 -5.26 8.60
C PRO B 304 6.28 -5.97 9.79
N ILE B 305 6.86 -7.13 9.50
CA ILE B 305 7.77 -7.83 10.38
C ILE B 305 9.05 -7.95 9.61
N ALA B 306 10.05 -7.17 10.00
CA ALA B 306 11.28 -7.06 9.26
C ALA B 306 12.37 -7.05 10.28
N ASN B 307 12.29 -6.05 11.15
CA ASN B 307 13.10 -5.96 12.36
C ASN B 307 13.15 -7.26 13.14
N PHE B 308 11.98 -7.88 13.36
CA PHE B 308 11.89 -9.19 13.99
C PHE B 308 12.69 -10.26 13.23
N LEU B 309 12.49 -10.30 11.92
CA LEU B 309 13.17 -11.26 11.08
C LEU B 309 14.67 -10.94 11.01
N LYS B 310 15.00 -9.66 11.05
CA LYS B 310 16.40 -9.25 11.01
C LYS B 310 17.08 -9.55 12.34
N SER B 311 16.29 -9.65 13.40
CA SER B 311 16.84 -9.99 14.70
C SER B 311 17.06 -11.49 14.74
N LEU B 312 16.21 -12.23 14.04
CA LEU B 312 16.42 -13.68 13.98
C LEU B 312 17.67 -13.97 13.15
N LEU B 313 17.83 -13.25 12.05
CA LEU B 313 19.01 -13.37 11.22
C LEU B 313 20.27 -12.98 11.97
N ASP B 314 20.26 -11.83 12.63
CA ASP B 314 21.45 -11.34 13.30
C ASP B 314 21.90 -12.28 14.43
N THR B 315 20.96 -13.00 15.03
CA THR B 315 21.28 -14.01 16.03
C THR B 315 21.38 -15.43 15.42
N GLY B 316 21.27 -15.52 14.10
CA GLY B 316 21.48 -16.79 13.41
C GLY B 316 20.41 -17.83 13.71
N ARG B 317 19.24 -17.37 14.11
CA ARG B 317 18.06 -18.24 14.30
C ARG B 317 17.02 -18.22 13.17
N LEU B 318 17.25 -17.40 12.14
CA LEU B 318 16.21 -17.17 11.13
C LEU B 318 15.95 -18.38 10.26
N ASP B 319 17.01 -19.00 9.76
CA ASP B 319 16.88 -20.14 8.84
C ASP B 319 16.12 -21.27 9.53
N THR B 320 16.43 -21.48 10.82
CA THR B 320 15.79 -22.51 11.60
C THR B 320 14.30 -22.24 11.69
N VAL B 321 13.95 -20.96 11.82
CA VAL B 321 12.56 -20.59 11.98
C VAL B 321 11.78 -20.76 10.69
N ILE B 322 12.34 -20.28 9.58
CA ILE B 322 11.75 -20.47 8.26
C ILE B 322 11.52 -21.96 7.94
N ASN B 323 12.51 -22.80 8.24
CA ASN B 323 12.39 -24.22 7.95
C ASN B 323 11.50 -25.01 8.92
N LYS B 324 11.48 -24.60 10.19
CA LYS B 324 10.74 -25.32 11.23
C LYS B 324 9.33 -24.78 11.43
N LEU B 325 9.07 -23.60 10.89
CA LEU B 325 7.73 -23.05 10.92
C LEU B 325 6.86 -23.95 10.06
N PRO B 326 5.54 -24.00 10.34
CA PRO B 326 4.68 -24.74 9.44
C PRO B 326 4.81 -24.11 8.07
N PHE B 327 4.73 -24.88 7.00
CA PHE B 327 4.85 -24.31 5.66
C PHE B 327 3.69 -23.35 5.49
N ASN B 328 3.84 -22.41 4.57
CA ASN B 328 2.76 -21.49 4.22
C ASN B 328 2.58 -20.32 5.19
N GLU B 329 3.09 -20.47 6.40
CA GLU B 329 3.41 -19.31 7.21
C GLU B 329 4.80 -18.84 6.81
N ALA B 330 5.69 -19.79 6.58
CA ALA B 330 7.04 -19.49 6.13
C ALA B 330 7.00 -18.76 4.80
N PHE B 331 6.15 -19.26 3.92
CA PHE B 331 6.15 -18.76 2.57
C PHE B 331 5.74 -17.32 2.58
N LYS B 332 4.77 -17.00 3.45
CA LYS B 332 4.27 -15.65 3.66
C LYS B 332 5.43 -14.69 3.90
N ILE B 333 6.40 -15.13 4.71
CA ILE B 333 7.50 -14.25 5.13
C ILE B 333 8.75 -14.37 4.27
N LEU B 334 8.75 -15.28 3.29
CA LEU B 334 9.93 -15.48 2.46
C LEU B 334 10.46 -14.23 1.73
N PRO B 335 9.56 -13.41 1.16
CA PRO B 335 10.10 -12.23 0.49
C PRO B 335 10.85 -11.25 1.40
N CYS B 336 10.31 -10.96 2.60
CA CYS B 336 11.00 -10.06 3.54
C CYS B 336 12.28 -10.65 4.15
N ALA B 337 12.28 -11.95 4.41
CA ALA B 337 13.50 -12.66 4.80
C ALA B 337 14.64 -12.42 3.81
N ARG B 338 14.34 -12.52 2.53
CA ARG B 338 15.33 -12.24 1.50
C ARG B 338 15.84 -10.79 1.50
N GLN B 339 14.93 -9.80 1.52
CA GLN B 339 15.36 -8.39 1.50
C GLN B 339 16.25 -8.09 2.69
N ILE B 340 16.08 -8.90 3.73
CA ILE B 340 16.84 -8.82 4.98
C ILE B 340 18.21 -9.51 4.87
N GLY B 341 18.35 -10.39 3.88
CA GLY B 341 19.58 -11.16 3.69
C GLY B 341 19.58 -12.66 3.97
N TRP B 342 18.42 -13.26 4.15
CA TRP B 342 18.29 -14.68 4.49
C TRP B 342 19.04 -15.73 3.64
N GLU B 343 18.90 -15.66 2.32
CA GLU B 343 19.65 -16.55 1.40
C GLU B 343 19.73 -18.06 1.68
N GLY B 344 18.69 -18.64 2.29
CA GLY B 344 18.49 -20.08 2.30
C GLY B 344 17.33 -20.49 1.40
N PHE B 345 16.96 -19.61 0.47
CA PHE B 345 15.77 -19.76 -0.36
C PHE B 345 15.72 -20.97 -1.36
N ASP B 346 16.74 -21.15 -2.20
CA ASP B 346 16.68 -22.25 -3.15
C ASP B 346 16.64 -23.63 -2.47
N THR B 347 17.43 -23.78 -1.41
CA THR B 347 17.37 -24.96 -0.56
C THR B 347 15.96 -25.15 -0.04
N PHE B 348 15.32 -24.03 0.33
CA PHE B 348 13.97 -24.07 0.86
C PHE B 348 13.03 -24.61 -0.19
N LEU B 349 13.18 -24.14 -1.43
CA LEU B 349 12.32 -24.59 -2.53
C LEU B 349 12.49 -26.07 -2.81
N LYS B 350 13.75 -26.52 -2.86
CA LYS B 350 14.06 -27.91 -3.21
C LYS B 350 13.54 -28.87 -2.15
N THR B 351 13.78 -28.51 -0.89
CA THR B 351 13.38 -29.33 0.24
C THR B 351 11.90 -29.31 0.54
N LYS B 352 11.37 -28.10 0.69
CA LYS B 352 10.01 -27.86 1.18
C LYS B 352 8.87 -27.97 0.17
N VAL B 353 9.10 -27.53 -1.07
CA VAL B 353 7.99 -27.45 -2.00
C VAL B 353 7.61 -28.82 -2.55
N SER B 354 6.38 -29.23 -2.24
CA SER B 354 5.84 -30.51 -2.66
C SER B 354 4.50 -30.27 -3.33
N PRO B 355 4.04 -31.23 -4.14
CA PRO B 355 2.71 -31.15 -4.75
C PRO B 355 1.58 -31.07 -3.71
N SER B 356 1.87 -31.41 -2.45
CA SER B 356 0.90 -31.35 -1.38
C SER B 356 0.69 -29.91 -0.88
N ASN B 357 1.73 -29.10 -0.98
CA ASN B 357 1.62 -27.67 -0.71
C ASN B 357 1.58 -26.64 -1.88
N VAL B 358 1.61 -27.08 -3.13
CA VAL B 358 1.72 -26.12 -4.24
C VAL B 358 0.63 -25.05 -4.31
N ASP B 359 -0.60 -25.42 -3.94
CA ASP B 359 -1.74 -24.50 -4.05
C ASP B 359 -1.54 -23.23 -3.20
N VAL B 360 -0.81 -23.42 -2.09
CA VAL B 360 -0.31 -22.31 -1.29
C VAL B 360 0.58 -21.37 -2.11
N VAL B 361 1.60 -21.95 -2.74
CA VAL B 361 2.52 -21.19 -3.59
C VAL B 361 1.83 -20.40 -4.70
N LEU B 362 0.91 -21.06 -5.39
CA LEU B 362 0.15 -20.43 -6.47
C LEU B 362 -0.70 -19.27 -5.93
N GLU B 363 -1.42 -19.53 -4.83
CA GLU B 363 -2.23 -18.50 -4.17
C GLU B 363 -1.40 -17.25 -3.87
N SER B 364 -0.26 -17.49 -3.24
CA SER B 364 0.71 -16.46 -2.91
C SER B 364 1.14 -15.64 -4.14
N LEU B 365 1.60 -16.31 -5.19
CA LEU B 365 2.12 -15.59 -6.35
C LEU B 365 1.03 -14.83 -7.12
N GLU B 366 -0.14 -15.45 -7.23
CA GLU B 366 -1.32 -14.76 -7.76
C GLU B 366 -1.56 -13.46 -7.02
N VAL B 367 -1.59 -13.56 -5.70
CA VAL B 367 -1.76 -12.36 -4.86
C VAL B 367 -0.70 -11.31 -5.18
N GLN B 368 0.56 -11.71 -5.20
CA GLN B 368 1.66 -10.78 -5.50
C GLN B 368 1.49 -10.06 -6.85
N THR B 369 0.97 -10.76 -7.85
CA THR B 369 0.67 -10.15 -9.15
C THR B 369 -0.50 -9.15 -9.10
N LYS B 370 -1.51 -9.44 -8.29
CA LYS B 370 -2.61 -8.50 -8.14
C LYS B 370 -2.24 -7.22 -7.33
N MET B 371 -1.15 -7.27 -6.55
CA MET B 371 -0.72 -6.10 -5.78
C MET B 371 -0.22 -4.99 -6.66
N THR B 372 -0.53 -3.77 -6.25
CA THR B 372 -0.04 -2.58 -6.93
C THR B 372 0.63 -1.72 -5.87
N ASP B 373 1.50 -0.82 -6.30
CA ASP B 373 2.21 0.02 -5.36
C ASP B 373 1.23 0.93 -4.64
N THR B 374 0.07 1.17 -5.27
CA THR B 374 -1.04 1.88 -4.59
C THR B 374 -2.21 1.05 -4.01
N ASN B 375 -2.17 -0.27 -4.11
CA ASN B 375 -3.11 -1.10 -3.32
C ASN B 375 -2.59 -1.75 -2.02
N THR B 376 -1.27 -1.81 -1.86
CA THR B 376 -0.70 -2.57 -0.73
C THR B 376 0.50 -1.88 -0.07
N PRO B 377 0.51 -1.89 1.28
CA PRO B 377 1.35 -1.06 2.16
C PRO B 377 2.84 -1.06 1.88
N PHE B 378 3.45 -2.19 1.61
CA PHE B 378 4.89 -2.19 1.40
C PHE B 378 5.28 -2.76 0.04
N ARG B 379 4.93 -4.02 -0.17
CA ARG B 379 5.01 -4.67 -1.47
C ARG B 379 6.42 -5.02 -1.91
N SER B 380 7.43 -4.34 -1.39
CA SER B 380 8.77 -4.75 -1.73
C SER B 380 8.99 -5.92 -0.80
N LEU B 381 8.54 -5.75 0.43
CA LEU B 381 8.64 -6.79 1.45
C LEU B 381 7.48 -7.77 1.35
N LYS B 382 6.51 -7.50 0.49
CA LYS B 382 5.48 -8.50 0.20
C LYS B 382 5.65 -9.25 -1.15
N THR B 383 6.61 -8.81 -1.95
CA THR B 383 6.84 -9.35 -3.29
C THR B 383 8.26 -9.90 -3.42
N PHE B 384 8.37 -11.02 -4.13
CA PHE B 384 9.65 -11.63 -4.47
C PHE B 384 10.47 -10.73 -5.38
N ASP B 385 11.78 -10.95 -5.40
CA ASP B 385 12.64 -10.27 -6.35
C ASP B 385 12.63 -11.11 -7.63
N LEU B 386 13.31 -10.65 -8.68
CA LEU B 386 13.23 -11.36 -9.95
C LEU B 386 13.85 -12.75 -9.85
N PHE B 387 14.90 -12.86 -9.05
CA PHE B 387 15.61 -14.11 -8.93
C PHE B 387 14.71 -15.15 -8.28
N ALA B 388 13.95 -14.72 -7.29
CA ALA B 388 13.07 -15.62 -6.58
C ALA B 388 11.94 -16.08 -7.48
N PHE B 389 11.29 -15.14 -8.14
CA PHE B 389 10.21 -15.43 -9.09
C PHE B 389 10.71 -16.42 -10.14
N HIS B 390 11.87 -16.12 -10.70
CA HIS B 390 12.49 -17.01 -11.65
C HIS B 390 12.60 -18.43 -11.10
N SER B 391 13.35 -18.60 -10.00
CA SER B 391 13.47 -19.90 -9.33
C SER B 391 12.13 -20.60 -9.08
N LEU B 392 11.14 -19.85 -8.58
CA LEU B 392 9.80 -20.38 -8.36
C LEU B 392 9.13 -20.89 -9.64
N ILE B 393 9.28 -20.16 -10.75
CA ILE B 393 8.74 -20.61 -12.03
C ILE B 393 9.43 -21.91 -12.48
N GLU B 394 10.75 -21.92 -12.43
CA GLU B 394 11.48 -23.13 -12.78
C GLU B 394 10.94 -24.34 -11.99
N VAL B 395 10.99 -24.22 -10.67
CA VAL B 395 10.55 -25.32 -9.81
C VAL B 395 9.09 -25.71 -10.08
N LEU B 396 8.22 -24.72 -10.19
CA LEU B 396 6.81 -24.97 -10.51
C LEU B 396 6.57 -25.74 -11.83
N ASN B 397 7.30 -25.45 -12.90
CA ASN B 397 7.08 -26.31 -14.07
C ASN B 397 7.82 -27.65 -13.96
N LYS B 398 8.69 -27.77 -12.96
CA LYS B 398 9.27 -29.07 -12.61
C LYS B 398 8.37 -29.98 -11.75
N CYS B 399 7.61 -29.43 -10.81
CA CYS B 399 6.75 -30.23 -9.90
C CYS B 399 5.60 -30.91 -10.67
N PRO B 400 5.23 -32.14 -10.26
CA PRO B 400 4.16 -32.91 -10.91
C PRO B 400 2.74 -32.38 -10.62
N LEU B 401 2.37 -31.31 -11.30
CA LEU B 401 1.09 -30.64 -11.09
C LEU B 401 -0.06 -31.38 -11.75
N ASP B 402 -1.21 -31.42 -11.07
CA ASP B 402 -2.43 -31.95 -11.68
C ASP B 402 -2.93 -30.97 -12.74
N VAL B 403 -4.03 -31.32 -13.39
CA VAL B 403 -4.53 -30.53 -14.51
C VAL B 403 -4.95 -29.10 -14.10
N LEU B 404 -5.83 -29.00 -13.11
CA LEU B 404 -6.29 -27.69 -12.65
C LEU B 404 -5.12 -26.85 -12.13
N GLN B 405 -4.17 -27.52 -11.50
CA GLN B 405 -2.98 -26.87 -10.97
C GLN B 405 -2.06 -26.33 -12.07
N LEU B 406 -2.03 -27.03 -13.20
CA LEU B 406 -1.21 -26.60 -14.31
C LEU B 406 -1.90 -25.45 -15.07
N GLN B 407 -3.23 -25.52 -15.17
CA GLN B 407 -3.97 -24.44 -15.83
C GLN B 407 -3.78 -23.16 -15.02
N ARG B 408 -3.87 -23.32 -13.70
CA ARG B 408 -3.70 -22.24 -12.75
C ARG B 408 -2.29 -21.68 -12.83
N PHE B 409 -1.32 -22.58 -12.91
CA PHE B 409 0.09 -22.20 -13.01
C PHE B 409 0.41 -21.42 -14.29
N GLU B 410 0.05 -21.97 -15.45
CA GLU B 410 0.24 -21.29 -16.73
C GLU B 410 -0.42 -19.92 -16.79
N SER B 411 -1.66 -19.88 -16.31
CA SER B 411 -2.38 -18.62 -16.12
C SER B 411 -1.50 -17.70 -15.34
N LEU B 412 -0.95 -18.21 -14.25
CA LEU B 412 -0.08 -17.42 -13.39
C LEU B 412 1.18 -16.91 -14.09
N GLU B 413 1.83 -17.76 -14.90
CA GLU B 413 3.00 -17.36 -15.67
C GLU B 413 2.69 -16.15 -16.55
N PHE B 414 1.51 -16.17 -17.17
CA PHE B 414 1.05 -14.99 -17.89
C PHE B 414 0.84 -13.79 -16.94
N SER B 415 0.08 -13.97 -15.85
CA SER B 415 -0.19 -12.85 -14.92
C SER B 415 1.11 -12.27 -14.36
N LEU B 416 2.12 -13.12 -14.27
CA LEU B 416 3.41 -12.89 -13.62
C LEU B 416 4.30 -12.07 -14.53
N LEU B 417 4.26 -12.47 -15.80
CA LEU B 417 4.92 -11.77 -16.89
C LEU B 417 4.33 -10.37 -17.11
N ILE B 418 3.02 -10.27 -16.92
CA ILE B 418 2.34 -9.00 -17.06
C ILE B 418 2.72 -8.10 -15.89
N ALA B 419 2.71 -8.67 -14.69
CA ALA B 419 3.00 -7.92 -13.46
C ALA B 419 4.46 -7.54 -13.36
N PHE B 420 5.36 -8.46 -13.65
CA PHE B 420 6.78 -8.23 -13.45
C PHE B 420 7.50 -8.44 -14.78
N PRO B 421 7.42 -7.42 -15.66
CA PRO B 421 7.96 -7.57 -17.02
C PRO B 421 9.48 -7.77 -17.11
N ARG B 422 10.24 -7.46 -16.07
CA ARG B 422 11.67 -7.64 -16.15
C ARG B 422 12.03 -9.13 -16.11
N LEU B 423 11.04 -9.94 -15.75
CA LEU B 423 11.13 -11.38 -15.84
C LEU B 423 11.41 -11.95 -17.27
N ILE B 424 11.06 -11.20 -18.31
CA ILE B 424 11.03 -11.74 -19.68
C ILE B 424 12.36 -12.31 -20.14
N ASN B 425 13.38 -11.47 -20.06
CA ASN B 425 14.73 -11.81 -20.47
C ASN B 425 15.63 -12.30 -19.32
N PHE B 426 15.05 -12.55 -18.16
CA PHE B 426 15.84 -12.90 -16.98
C PHE B 426 16.34 -14.35 -17.01
N GLY B 427 17.62 -14.56 -16.74
CA GLY B 427 18.12 -15.92 -16.60
C GLY B 427 18.88 -16.45 -17.80
N PHE B 428 19.16 -15.57 -18.74
CA PHE B 428 20.05 -15.88 -19.86
C PHE B 428 21.43 -15.27 -19.70
N GLY B 429 21.70 -14.71 -18.53
CA GLY B 429 23.04 -14.26 -18.21
C GLY B 429 23.24 -12.78 -18.41
N HIS B 430 22.13 -12.07 -18.59
CA HIS B 430 22.13 -10.62 -18.58
C HIS B 430 21.53 -9.96 -17.34
N ASP B 431 21.29 -10.79 -16.31
CA ASP B 431 20.58 -10.40 -15.08
C ASP B 431 21.06 -9.13 -14.38
N GLU B 432 22.37 -8.95 -14.30
CA GLU B 432 22.94 -7.75 -13.70
C GLU B 432 22.38 -6.50 -14.39
N ALA B 433 22.39 -6.53 -15.72
CA ALA B 433 21.86 -5.44 -16.53
C ALA B 433 20.36 -5.23 -16.27
N ILE B 434 19.60 -6.33 -16.23
CA ILE B 434 18.17 -6.25 -15.97
C ILE B 434 17.90 -5.59 -14.62
N LEU B 435 18.53 -6.13 -13.59
CA LEU B 435 18.32 -5.74 -12.20
C LEU B 435 18.80 -4.32 -11.94
N ALA B 436 19.64 -3.79 -12.83
CA ALA B 436 20.09 -2.40 -12.68
C ALA B 436 18.95 -1.37 -12.89
N ASN B 437 17.82 -1.85 -13.42
CA ASN B 437 16.64 -0.99 -13.64
C ASN B 437 15.62 -1.07 -12.49
N GLY B 438 15.90 -1.94 -11.52
CA GLY B 438 14.94 -2.29 -10.47
C GLY B 438 14.43 -3.71 -10.67
N ASP B 439 13.75 -4.27 -9.67
CA ASP B 439 13.12 -5.59 -9.82
C ASP B 439 11.69 -5.47 -10.32
N ILE B 440 10.80 -5.09 -9.41
CA ILE B 440 9.37 -4.87 -9.70
C ILE B 440 8.98 -3.39 -9.89
N ALA B 441 9.97 -2.49 -9.79
CA ALA B 441 9.77 -1.04 -9.69
C ALA B 441 8.84 -0.43 -10.74
N GLY B 442 8.86 -0.99 -11.93
CA GLY B 442 8.05 -0.50 -13.02
C GLY B 442 8.80 0.47 -13.91
N ILE B 443 8.54 0.35 -15.22
CA ILE B 443 9.34 1.01 -16.25
C ILE B 443 9.08 2.52 -16.31
N ASN B 444 10.17 3.30 -16.37
CA ASN B 444 10.08 4.74 -16.46
C ASN B 444 9.32 5.22 -17.70
N ASN B 445 8.64 6.36 -17.58
CA ASN B 445 7.71 6.84 -18.59
C ASN B 445 8.35 7.19 -19.93
N ASP B 446 9.63 7.51 -19.91
CA ASP B 446 10.35 7.87 -21.12
C ASP B 446 10.72 6.64 -21.98
N ILE B 447 10.93 5.50 -21.33
CA ILE B 447 11.16 4.25 -22.04
C ILE B 447 9.87 3.71 -22.64
N GLU B 448 8.78 3.85 -21.89
CA GLU B 448 7.44 3.54 -22.38
C GLU B 448 7.14 4.40 -23.60
N LYS B 449 7.47 5.68 -23.51
CA LYS B 449 7.24 6.62 -24.61
C LYS B 449 8.08 6.31 -25.84
N GLU B 450 9.36 5.98 -25.63
CA GLU B 450 10.26 5.62 -26.72
C GLU B 450 9.81 4.35 -27.42
N MET B 451 9.58 3.31 -26.64
CA MET B 451 9.07 2.04 -27.13
C MET B 451 7.80 2.28 -27.95
N GLN B 452 6.94 3.15 -27.44
CA GLN B 452 5.72 3.51 -28.14
C GLN B 452 6.00 4.12 -29.50
N ASN B 453 6.92 5.08 -29.55
CA ASN B 453 7.28 5.75 -30.80
C ASN B 453 7.82 4.79 -31.85
N TYR B 454 8.75 3.95 -31.40
CA TYR B 454 9.34 2.89 -32.19
C TYR B 454 8.23 2.04 -32.83
N LEU B 455 7.45 1.40 -31.96
CA LEU B 455 6.36 0.54 -32.39
C LEU B 455 5.38 1.19 -33.38
N GLN B 456 4.84 2.36 -33.02
CA GLN B 456 3.87 2.99 -33.92
C GLN B 456 4.52 3.32 -35.29
N LYS B 457 5.81 3.64 -35.25
CA LYS B 457 6.58 3.89 -36.47
C LYS B 457 6.63 2.65 -37.34
N MET B 458 6.67 1.48 -36.71
CA MET B 458 6.52 0.22 -37.47
C MET B 458 5.12 0.10 -38.08
N TYR B 459 4.09 0.33 -37.26
CA TYR B 459 2.70 0.30 -37.74
C TYR B 459 2.37 1.33 -38.81
N SER B 460 3.12 2.42 -38.84
CA SER B 460 2.91 3.49 -39.82
C SER B 460 3.76 3.23 -41.06
N GLY B 461 4.33 2.03 -41.15
CA GLY B 461 5.02 1.58 -42.35
C GLY B 461 6.47 1.99 -42.46
N GLU B 462 6.87 2.98 -41.66
CA GLU B 462 8.23 3.52 -41.75
C GLU B 462 9.33 2.49 -41.47
N LEU B 463 9.18 1.73 -40.38
CA LEU B 463 10.11 0.67 -40.03
C LEU B 463 9.54 -0.66 -40.48
N ALA B 464 10.41 -1.53 -41.01
CA ALA B 464 10.02 -2.90 -41.32
C ALA B 464 10.02 -3.71 -40.02
N ILE B 465 9.21 -4.75 -40.00
CA ILE B 465 9.17 -5.69 -38.89
C ILE B 465 10.56 -6.26 -38.61
N LYS B 466 11.23 -6.76 -39.65
CA LYS B 466 12.57 -7.32 -39.48
C LYS B 466 13.57 -6.33 -38.89
N ASP B 467 13.26 -5.02 -38.97
CA ASP B 467 14.10 -3.99 -38.34
C ASP B 467 13.99 -4.03 -36.81
N VAL B 468 12.73 -4.06 -36.35
CA VAL B 468 12.42 -4.16 -34.93
C VAL B 468 13.00 -5.45 -34.40
N ILE B 469 12.75 -6.55 -35.14
CA ILE B 469 13.30 -7.86 -34.80
C ILE B 469 14.82 -7.83 -34.67
N GLU B 470 15.48 -7.16 -35.61
CA GLU B 470 16.92 -7.00 -35.53
C GLU B 470 17.31 -6.28 -34.24
N LEU B 471 16.60 -5.19 -33.93
CA LEU B 471 16.90 -4.42 -32.72
C LEU B 471 16.80 -5.26 -31.44
N LEU B 472 15.63 -5.86 -31.25
CA LEU B 472 15.39 -6.72 -30.12
C LEU B 472 16.46 -7.78 -30.02
N ARG B 473 16.79 -8.41 -31.14
CA ARG B 473 17.83 -9.44 -31.18
C ARG B 473 19.19 -8.90 -30.75
N ARG B 474 19.42 -7.60 -30.96
CA ARG B 474 20.63 -6.98 -30.43
C ARG B 474 20.52 -6.80 -28.92
N LEU B 475 19.36 -6.31 -28.47
CA LEU B 475 19.16 -5.94 -27.08
C LEU B 475 19.11 -7.13 -26.12
N ARG B 476 18.56 -8.24 -26.58
CA ARG B 476 18.39 -9.42 -25.73
C ARG B 476 19.73 -9.89 -25.11
N ASP B 477 20.82 -9.75 -25.87
CA ASP B 477 22.14 -10.13 -25.39
C ASP B 477 22.98 -8.99 -24.80
N SER B 478 22.39 -7.79 -24.68
CA SER B 478 23.12 -6.61 -24.22
C SER B 478 23.33 -6.60 -22.70
N ASP B 479 24.48 -6.09 -22.25
CA ASP B 479 24.75 -5.92 -20.81
C ASP B 479 24.51 -4.51 -20.30
N LEU B 480 24.17 -3.62 -21.22
CA LEU B 480 23.78 -2.26 -20.90
C LEU B 480 22.35 -2.30 -20.35
N PRO B 481 22.17 -1.89 -19.08
CA PRO B 481 20.86 -1.93 -18.41
C PRO B 481 19.70 -1.27 -19.17
N ARG B 482 19.91 -0.09 -19.75
CA ARG B 482 18.87 0.56 -20.50
C ARG B 482 18.45 -0.23 -21.73
N ASP B 483 19.40 -0.90 -22.37
CA ASP B 483 19.11 -1.78 -23.50
C ASP B 483 18.12 -2.85 -23.07
N GLN B 484 18.57 -3.67 -22.13
CA GLN B 484 17.83 -4.80 -21.60
C GLN B 484 16.43 -4.36 -21.14
N GLU B 485 16.37 -3.11 -20.68
CA GLU B 485 15.11 -2.50 -20.24
C GLU B 485 14.19 -2.20 -21.41
N VAL B 486 14.72 -1.55 -22.44
CA VAL B 486 13.94 -1.30 -23.65
C VAL B 486 13.40 -2.59 -24.25
N PHE B 487 14.25 -3.63 -24.27
CA PHE B 487 13.82 -4.94 -24.72
C PHE B 487 12.61 -5.38 -23.92
N THR B 488 12.77 -5.36 -22.60
CA THR B 488 11.70 -5.68 -21.67
C THR B 488 10.40 -4.92 -21.97
N CYS B 489 10.50 -3.61 -22.14
CA CYS B 489 9.34 -2.79 -22.40
C CYS B 489 8.64 -3.17 -23.70
N ILE B 490 9.40 -3.36 -24.77
CA ILE B 490 8.82 -3.65 -26.09
C ILE B 490 8.09 -5.01 -26.12
N THR B 491 8.81 -6.04 -25.68
CA THR B 491 8.25 -7.40 -25.67
C THR B 491 7.05 -7.50 -24.75
N HIS B 492 7.21 -6.98 -23.53
CA HIS B 492 6.10 -6.91 -22.60
C HIS B 492 4.90 -6.25 -23.26
N ALA B 493 5.13 -5.08 -23.88
CA ALA B 493 4.06 -4.29 -24.50
C ALA B 493 3.25 -5.11 -25.50
N VAL B 494 3.95 -5.79 -26.42
CA VAL B 494 3.25 -6.66 -27.37
C VAL B 494 2.39 -7.70 -26.63
N ILE B 495 3.02 -8.36 -25.66
CA ILE B 495 2.35 -9.49 -25.04
C ILE B 495 1.11 -9.07 -24.26
N ALA B 496 1.25 -8.01 -23.45
CA ALA B 496 0.15 -7.52 -22.64
C ALA B 496 -0.97 -7.04 -23.55
N GLU B 497 -0.55 -6.44 -24.67
CA GLU B 497 -1.46 -5.94 -25.67
C GLU B 497 -2.24 -7.06 -26.39
N SER B 498 -1.79 -8.31 -26.23
CA SER B 498 -2.50 -9.47 -26.80
C SER B 498 -3.98 -9.65 -26.46
N THR B 499 -4.42 -9.15 -25.32
CA THR B 499 -5.83 -9.22 -24.90
C THR B 499 -6.71 -8.38 -25.82
N PHE B 500 -6.09 -7.42 -26.50
CA PHE B 500 -6.81 -6.51 -27.39
C PHE B 500 -6.73 -6.78 -28.91
N PHE B 501 -6.06 -7.86 -29.30
CA PHE B 501 -5.86 -8.10 -30.72
C PHE B 501 -7.18 -8.24 -31.45
N GLN B 502 -8.16 -8.83 -30.78
CA GLN B 502 -9.45 -9.08 -31.38
C GLN B 502 -10.21 -7.82 -31.79
N ASP B 503 -9.75 -6.67 -31.31
CA ASP B 503 -10.34 -5.39 -31.72
C ASP B 503 -9.53 -4.68 -32.80
N TYR B 504 -8.39 -5.26 -33.17
CA TYR B 504 -7.48 -4.63 -34.11
C TYR B 504 -8.00 -4.58 -35.52
N PRO B 505 -7.76 -3.48 -36.24
CA PRO B 505 -7.98 -3.48 -37.69
C PRO B 505 -7.01 -4.50 -38.31
N LEU B 506 -7.34 -5.01 -39.50
CA LEU B 506 -6.63 -6.15 -40.09
C LEU B 506 -5.19 -5.90 -40.44
N ASP B 507 -4.87 -4.66 -40.81
CA ASP B 507 -3.47 -4.34 -41.12
C ASP B 507 -2.60 -4.29 -39.87
N ALA B 508 -3.06 -3.60 -38.82
CA ALA B 508 -2.31 -3.56 -37.58
C ALA B 508 -2.16 -4.96 -37.00
N LEU B 509 -3.20 -5.77 -37.21
CA LEU B 509 -3.27 -7.12 -36.66
C LEU B 509 -2.30 -8.01 -37.40
N ALA B 510 -2.20 -7.82 -38.70
CA ALA B 510 -1.27 -8.60 -39.49
C ALA B 510 0.14 -8.22 -39.11
N THR B 511 0.39 -6.93 -38.95
CA THR B 511 1.74 -6.51 -38.62
C THR B 511 2.13 -7.07 -37.25
N THR B 512 1.22 -7.00 -36.29
CA THR B 512 1.49 -7.53 -34.96
C THR B 512 1.69 -9.04 -35.03
N SER B 513 0.86 -9.72 -35.79
CA SER B 513 0.98 -11.17 -36.00
C SER B 513 2.34 -11.61 -36.53
N VAL B 514 2.84 -10.88 -37.51
CA VAL B 514 4.17 -11.19 -38.02
C VAL B 514 5.26 -10.78 -37.03
N LEU B 515 5.06 -9.69 -36.29
CA LEU B 515 6.06 -9.31 -35.28
C LEU B 515 6.20 -10.37 -34.19
N PHE B 516 5.05 -10.79 -33.65
CA PHE B 516 4.95 -11.82 -32.63
C PHE B 516 5.59 -13.13 -33.10
N GLY B 517 5.18 -13.55 -34.28
CA GLY B 517 5.67 -14.78 -34.87
C GLY B 517 7.16 -14.75 -35.01
N SER B 518 7.69 -13.63 -35.52
CA SER B 518 9.12 -13.47 -35.71
C SER B 518 9.85 -13.42 -34.39
N MET B 519 9.16 -12.97 -33.34
CA MET B 519 9.75 -12.98 -32.02
C MET B 519 9.97 -14.42 -31.59
N ILE B 520 9.06 -15.30 -32.00
CA ILE B 520 9.25 -16.72 -31.74
C ILE B 520 10.31 -17.36 -32.65
N LEU B 521 10.36 -16.92 -33.90
CA LEU B 521 11.32 -17.44 -34.86
C LEU B 521 12.76 -17.14 -34.46
N PHE B 522 13.04 -15.88 -34.15
CA PHE B 522 14.42 -15.45 -33.89
C PHE B 522 14.87 -15.58 -32.42
N GLN B 523 14.04 -16.25 -31.64
CA GLN B 523 14.34 -16.62 -30.27
C GLN B 523 14.44 -15.44 -29.30
N LEU B 524 13.50 -14.52 -29.44
CA LEU B 524 13.40 -13.38 -28.54
C LEU B 524 12.50 -13.69 -27.36
N LEU B 525 11.75 -14.79 -27.45
CA LEU B 525 10.93 -15.28 -26.35
C LEU B 525 11.44 -16.69 -26.01
N ARG B 526 11.89 -16.87 -24.77
CA ARG B 526 12.55 -18.10 -24.37
C ARG B 526 12.00 -18.53 -23.04
N GLY B 527 12.37 -19.73 -22.62
CA GLY B 527 11.99 -20.20 -21.30
C GLY B 527 10.49 -20.24 -21.14
N PHE B 528 10.02 -19.79 -19.99
CA PHE B 528 8.60 -19.82 -19.71
C PHE B 528 7.85 -18.82 -20.60
N VAL B 529 8.52 -17.73 -20.98
CA VAL B 529 7.89 -16.68 -21.78
C VAL B 529 7.47 -17.19 -23.16
N LEU B 530 8.26 -18.12 -23.69
CA LEU B 530 7.95 -18.81 -24.93
C LEU B 530 6.74 -19.75 -24.78
N ASP B 531 6.63 -20.46 -23.66
CA ASP B 531 5.44 -21.29 -23.44
C ASP B 531 4.21 -20.41 -23.31
N VAL B 532 4.40 -19.22 -22.76
CA VAL B 532 3.32 -18.28 -22.69
C VAL B 532 2.91 -17.97 -24.14
N ALA B 533 3.87 -17.57 -24.94
CA ALA B 533 3.61 -17.25 -26.34
C ALA B 533 2.85 -18.38 -27.05
N PHE B 534 3.39 -19.58 -26.96
CA PHE B 534 2.81 -20.76 -27.59
C PHE B 534 1.38 -21.01 -27.14
N ARG B 535 1.13 -20.85 -25.84
CA ARG B 535 -0.21 -21.01 -25.29
C ARG B 535 -1.18 -19.95 -25.77
N ILE B 536 -0.67 -18.74 -25.99
CA ILE B 536 -1.49 -17.66 -26.51
C ILE B 536 -1.90 -17.99 -27.95
N ILE B 537 -0.90 -18.30 -28.76
CA ILE B 537 -1.14 -18.66 -30.13
C ILE B 537 -2.11 -19.82 -30.24
N MET B 538 -1.91 -20.86 -29.44
CA MET B 538 -2.85 -21.97 -29.36
C MET B 538 -4.25 -21.49 -29.00
N ARG B 539 -4.35 -20.65 -27.97
CA ARG B 539 -5.63 -20.17 -27.47
C ARG B 539 -6.41 -19.38 -28.53
N PHE B 540 -5.66 -18.65 -29.37
CA PHE B 540 -6.25 -17.90 -30.48
C PHE B 540 -6.60 -18.83 -31.62
N ALA B 541 -5.80 -19.88 -31.78
CA ALA B 541 -6.01 -20.85 -32.85
C ALA B 541 -7.33 -21.57 -32.61
N LYS B 542 -7.72 -21.68 -31.34
CA LYS B 542 -8.91 -22.41 -30.97
C LYS B 542 -10.17 -21.54 -31.13
N GLU B 543 -9.97 -20.27 -31.48
CA GLU B 543 -11.07 -19.36 -31.79
C GLU B 543 -11.62 -19.66 -33.20
N PRO B 544 -12.91 -19.36 -33.46
CA PRO B 544 -13.53 -19.63 -34.77
C PRO B 544 -12.77 -19.02 -35.95
N PRO B 545 -12.66 -19.75 -37.08
CA PRO B 545 -11.88 -19.29 -38.25
C PRO B 545 -12.45 -17.99 -38.80
N GLU B 546 -11.72 -17.24 -39.62
CA GLU B 546 -12.21 -15.95 -40.13
C GLU B 546 -12.31 -14.86 -39.03
N SER B 547 -12.02 -15.24 -37.79
CA SER B 547 -11.99 -14.31 -36.67
C SER B 547 -10.59 -13.75 -36.47
N LYS B 548 -10.53 -12.50 -36.02
CA LYS B 548 -9.28 -11.79 -35.86
C LYS B 548 -8.23 -12.58 -35.08
N MET B 549 -8.66 -13.21 -33.99
CA MET B 549 -7.82 -14.10 -33.20
C MET B 549 -7.27 -15.32 -34.01
N PHE B 550 -8.13 -15.99 -34.75
CA PHE B 550 -7.73 -17.12 -35.58
C PHE B 550 -6.77 -16.72 -36.69
N LYS B 551 -7.05 -15.59 -37.33
CA LYS B 551 -6.18 -15.04 -38.37
C LYS B 551 -4.82 -14.66 -37.77
N PHE B 552 -4.84 -14.20 -36.53
CA PHE B 552 -3.61 -13.82 -35.84
C PHE B 552 -2.78 -15.06 -35.52
N ALA B 553 -3.44 -16.11 -35.03
CA ALA B 553 -2.78 -17.38 -34.76
C ALA B 553 -2.11 -17.90 -36.03
N VAL B 554 -2.92 -18.04 -37.08
CA VAL B 554 -2.41 -18.49 -38.35
C VAL B 554 -1.22 -17.69 -38.88
N GLN B 555 -1.30 -16.36 -38.87
CA GLN B 555 -0.19 -15.57 -39.40
C GLN B 555 1.07 -15.67 -38.53
N ALA B 556 0.88 -15.77 -37.20
CA ALA B 556 2.00 -15.86 -36.29
C ALA B 556 2.74 -17.15 -36.56
N ILE B 557 1.99 -18.24 -36.50
CA ILE B 557 2.50 -19.57 -36.83
C ILE B 557 3.24 -19.58 -38.18
N TYR B 558 2.66 -18.97 -39.21
CA TYR B 558 3.32 -18.90 -40.50
C TYR B 558 4.63 -18.13 -40.42
N ALA B 559 4.66 -17.13 -39.57
CA ALA B 559 5.81 -16.22 -39.48
C ALA B 559 7.04 -16.87 -38.88
N PHE B 560 6.82 -17.85 -38.00
CA PHE B 560 7.91 -18.68 -37.45
C PHE B 560 8.07 -20.08 -38.06
N ARG B 561 7.36 -20.35 -39.15
CA ARG B 561 7.28 -21.69 -39.71
C ARG B 561 8.60 -22.42 -39.98
N ILE B 562 9.64 -21.70 -40.39
CA ILE B 562 10.97 -22.30 -40.61
C ILE B 562 11.47 -23.09 -39.39
N ARG B 563 11.13 -22.64 -38.21
CA ARG B 563 11.49 -23.32 -36.99
C ARG B 563 10.41 -24.24 -36.40
N LEU B 564 9.32 -24.43 -37.13
CA LEU B 564 8.23 -25.29 -36.64
C LEU B 564 8.74 -26.70 -36.31
N ALA B 565 9.81 -27.07 -37.01
CA ALA B 565 10.40 -28.39 -36.91
C ALA B 565 10.87 -28.69 -35.50
N GLU B 566 11.08 -27.65 -34.71
CA GLU B 566 11.63 -27.86 -33.37
C GLU B 566 10.58 -28.19 -32.31
N TYR B 567 9.31 -28.14 -32.70
CA TYR B 567 8.23 -28.39 -31.76
C TYR B 567 7.19 -29.31 -32.39
N PRO B 568 7.54 -30.59 -32.58
CA PRO B 568 6.59 -31.54 -33.16
C PRO B 568 5.39 -31.78 -32.26
N GLN B 569 5.60 -31.85 -30.94
CA GLN B 569 4.52 -32.05 -30.00
C GLN B 569 3.47 -30.96 -30.18
N TYR B 570 3.94 -29.71 -30.16
CA TYR B 570 3.08 -28.55 -30.36
C TYR B 570 2.28 -28.65 -31.68
N CYS B 571 2.94 -29.06 -32.76
CA CYS B 571 2.27 -29.20 -34.04
C CYS B 571 1.20 -30.28 -34.02
N LYS B 572 1.49 -31.39 -33.33
CA LYS B 572 0.50 -32.45 -33.15
C LYS B 572 -0.71 -31.94 -32.37
N ASP B 573 -0.46 -31.08 -31.40
CA ASP B 573 -1.55 -30.49 -30.62
C ASP B 573 -2.39 -29.50 -31.44
N LEU B 574 -1.74 -28.74 -32.31
CA LEU B 574 -2.44 -27.84 -33.23
C LEU B 574 -3.33 -28.65 -34.17
N LEU B 575 -2.77 -29.74 -34.68
CA LEU B 575 -3.49 -30.63 -35.60
C LEU B 575 -4.67 -31.34 -34.94
N ARG B 576 -4.47 -31.75 -33.69
CA ARG B 576 -5.50 -32.40 -32.90
C ARG B 576 -6.65 -31.44 -32.64
N ASP B 577 -6.30 -30.29 -32.07
CA ASP B 577 -7.29 -29.40 -31.47
C ASP B 577 -7.76 -28.22 -32.33
N VAL B 578 -7.19 -28.07 -33.52
CA VAL B 578 -7.61 -26.99 -34.43
C VAL B 578 -7.87 -27.52 -35.85
N PRO B 579 -9.04 -28.13 -36.06
CA PRO B 579 -9.41 -28.70 -37.38
C PRO B 579 -9.46 -27.65 -38.49
N ALA B 580 -9.76 -26.42 -38.12
CA ALA B 580 -9.93 -25.34 -39.09
C ALA B 580 -8.64 -25.00 -39.82
N LEU B 581 -7.51 -25.38 -39.22
CA LEU B 581 -6.21 -25.24 -39.84
C LEU B 581 -6.19 -25.93 -41.21
N LYS B 582 -7.02 -26.95 -41.39
CA LYS B 582 -7.05 -27.67 -42.67
C LYS B 582 -7.43 -26.76 -43.82
N SER B 583 -7.97 -25.58 -43.49
CA SER B 583 -8.35 -24.63 -44.53
C SER B 583 -7.27 -23.58 -44.78
N GLN B 584 -6.20 -23.60 -44.00
CA GLN B 584 -5.13 -22.63 -44.23
C GLN B 584 -3.96 -23.34 -44.88
N ALA B 585 -3.87 -23.21 -46.19
CA ALA B 585 -3.04 -24.12 -46.99
C ALA B 585 -1.58 -24.16 -46.56
N GLN B 586 -0.86 -23.07 -46.82
CA GLN B 586 0.57 -23.01 -46.58
C GLN B 586 0.94 -23.42 -45.15
N VAL B 587 0.24 -22.83 -44.18
CA VAL B 587 0.48 -23.14 -42.77
C VAL B 587 0.17 -24.59 -42.42
N TYR B 588 -1.00 -25.07 -42.84
CA TYR B 588 -1.38 -26.46 -42.58
C TYR B 588 -0.29 -27.41 -43.08
N GLN B 589 0.11 -27.22 -44.34
CA GLN B 589 1.19 -28.00 -44.92
C GLN B 589 2.45 -27.99 -44.02
N SER B 590 2.92 -26.79 -43.69
CA SER B 590 4.06 -26.61 -42.78
C SER B 590 3.94 -27.33 -41.42
N ILE B 591 2.74 -27.34 -40.86
CA ILE B 591 2.46 -27.91 -39.55
C ILE B 591 2.43 -29.42 -39.59
N VAL B 592 1.78 -29.99 -40.62
CA VAL B 592 1.73 -31.45 -40.73
C VAL B 592 3.09 -32.02 -41.12
N GLU B 593 3.92 -31.21 -41.79
CA GLU B 593 5.29 -31.62 -42.08
C GLU B 593 6.13 -31.80 -40.81
N ALA B 594 5.55 -31.37 -39.69
CA ALA B 594 6.18 -31.48 -38.39
C ALA B 594 5.84 -32.83 -37.79
N ALA B 595 5.29 -33.73 -38.61
CA ALA B 595 5.38 -35.15 -38.29
C ALA B 595 6.79 -35.60 -38.66
N THR B 596 7.56 -36.00 -37.65
CA THR B 596 8.99 -36.23 -37.81
C THR B 596 9.48 -37.44 -37.01
AU AU C . -5.21 10.54 -18.40
AU AU D . -21.22 21.17 10.21
AU AU E . -2.07 12.69 -7.32
AU AU F . -7.16 -3.05 -62.66
AU AU G . 9.93 10.39 18.23
AU AU H . -19.98 18.11 -26.46
AU AU I . 3.20 9.50 41.23
AU AU J . -7.79 7.74 -4.43
AU AU K . -21.70 1.77 -27.09
AU AU L . 1.81 7.05 10.25
AU AU M . -8.77 -6.44 -51.73
AU AU N . -7.13 10.31 -73.15
AU AU O . -2.86 10.01 -76.06
AU AU P . -14.69 -5.49 -59.79
AU AU Q . -27.18 23.10 11.96
AU AU R . 13.05 -5.91 16.85
AU AU S . 1.07 -12.92 31.97
AU AU T . 12.09 -6.74 4.98
AU AU U . 14.02 5.27 54.52
AU AU V . 4.78 -1.51 -21.80
AU AU W . 16.50 -7.19 -39.12
AU AU X . 8.56 6.20 51.79
AU AU Y . -2.85 -30.93 -3.27
AU AU Z . -1.85 -18.23 -21.30
AU AU AA . 14.81 -22.88 27.53
AU AU BA . 29.91 0.26 70.03
AU AU CA . 12.41 -32.22 -4.78
AU AU DA . 4.89 -9.50 5.14
AU AU EA . 24.92 5.73 64.49
#